data_1XZ0
#
_entry.id   1XZ0
#
_cell.length_a   55.961
_cell.length_b   43.235
_cell.length_c   209.944
_cell.angle_alpha   90.00
_cell.angle_beta   91.04
_cell.angle_gamma   90.00
#
_symmetry.space_group_name_H-M   'P 1 21 1'
#
loop_
_entity.id
_entity.type
_entity.pdbx_description
1 polymer 'T-cell surface glycoprotein CD1a'
2 polymer Beta-2-microglobulin
3 branched 2-acetamido-2-deoxy-beta-D-glucopyranose-(1-4)-[alpha-L-fucopyranose-(1-6)]2-acetamido-2-deoxy-beta-D-glucopyranose
4 branched alpha-L-fucopyranose-(1-6)-2-acetamido-2-deoxy-beta-D-glucopyranose
5 non-polymer '6-(HYDROXY-HEXADECANOYL-AMINO)-2-{[(4S)-2-(2-HYDROXY-PHENYL)-4,5-DIHYDRO-OXAZOLE-4-CARBONYL]-AMINO}-HEXANOIC ACID 2-[(3S)-1-(TERT-BUTYL-DIPHENYL-SILANYLOXY)-2-OXO-AZEPAN-3-YLCARBAMOYL]-(1S)-1-METHYL-ETHYL ESTER'
6 water water
#
loop_
_entity_poly.entity_id
_entity_poly.type
_entity_poly.pdbx_seq_one_letter_code
_entity_poly.pdbx_strand_id
1 'polypeptide(L)'
;ADGLKEPLSFHVIWIASFYNHSWKQNLVSGWLSDLQTHTWDSNSSTIVFLWPWSRGNFSNEEWKELETLFRIRTIRSFEG
IRRYAHELQFEYPFEIQVTGGCELHSGKVSGSFLQLAYQGSDFVSFQNNSWLPYPVAGNMAKHFCKVLNQNQHENDITHN
LLSDTCPRFILGLLDAGKAHLQRQVKPEAWLSHGPSPGPGHLQLVCHVSGFYPKPVWVMWMRGEQEQQGTQRGDILPSAD
GTWYLRATLEVAAGEAADLSCRVKHSSLEGQDIVLYWVD
;
A,C
2 'polypeptide(L)'
;IQRTPKIQVYSRHPAENGKSNFLNCYVSGFHPSDIEVDLLKNGERIEKVEHSDLSFSKDWSFYLLYYTEFTPTEKDEYAC
RVNHVTLSQPKIVKWDRDM
;
B,D
#
loop_
_chem_comp.id
_chem_comp.type
_chem_comp.name
_chem_comp.formula
FUC L-saccharide, alpha linking alpha-L-fucopyranose 'C6 H12 O5'
JH0 non-polymer '6-(HYDROXY-HEXADECANOYL-AMINO)-2-{[(4S)-2-(2-HYDROXY-PHENYL)-4,5-DIHYDRO-OXAZOLE-4-CARBONYL]-AMINO}-HEXANOIC ACID 2-[(3S)-1-(TERT-BUTYL-DIPHENYL-SILANYLOXY)-2-OXO-AZEPAN-3-YLCARBAMOYL]-(1S)-1-METHYL-ETHYL ESTER' 'C58 H85 N5 O10 Si'
NAG D-saccharide, beta linking 2-acetamido-2-deoxy-beta-D-glucopyranose 'C8 H15 N O6'
#
# COMPACT_ATOMS: atom_id res chain seq x y z
N PRO A 7 -31.26 22.28 6.93
CA PRO A 7 -30.92 20.88 7.35
C PRO A 7 -29.41 20.59 7.64
N LEU A 8 -28.49 21.31 6.97
CA LEU A 8 -27.03 21.04 6.86
C LEU A 8 -26.35 20.12 7.90
N SER A 9 -25.60 19.16 7.38
CA SER A 9 -24.82 18.20 8.17
C SER A 9 -23.35 18.12 7.71
N PHE A 10 -22.53 17.49 8.52
CA PHE A 10 -21.20 17.05 8.11
C PHE A 10 -21.09 15.55 8.35
N HIS A 11 -20.52 14.81 7.40
CA HIS A 11 -20.25 13.39 7.62
C HIS A 11 -19.04 12.81 6.92
N VAL A 12 -18.57 11.71 7.49
CA VAL A 12 -17.47 10.94 6.97
C VAL A 12 -18.08 9.67 6.44
N ILE A 13 -17.62 9.21 5.28
CA ILE A 13 -18.08 7.95 4.78
C ILE A 13 -16.93 6.96 4.61
N TRP A 14 -17.27 5.68 4.52
CA TRP A 14 -16.32 4.58 4.33
C TRP A 14 -16.95 3.58 3.37
N ILE A 15 -16.24 3.24 2.32
CA ILE A 15 -16.73 2.30 1.34
C ILE A 15 -15.72 1.15 1.25
N ALA A 16 -16.13 -0.06 1.57
CA ALA A 16 -15.24 -1.22 1.48
C ALA A 16 -15.89 -2.30 0.63
N SER A 17 -15.15 -2.84 -0.33
CA SER A 17 -15.71 -3.85 -1.18
C SER A 17 -14.81 -5.06 -1.22
N PHE A 18 -15.43 -6.24 -1.21
CA PHE A 18 -14.71 -7.49 -1.23
C PHE A 18 -15.04 -8.26 -2.53
N TYR A 19 -14.50 -7.76 -3.64
CA TYR A 19 -14.68 -8.33 -4.99
C TYR A 19 -14.33 -9.85 -4.93
N ASN A 20 -13.09 -10.19 -4.54
CA ASN A 20 -12.60 -11.60 -4.55
C ASN A 20 -12.06 -12.03 -3.19
N HIS A 21 -11.40 -13.20 -3.19
CA HIS A 21 -10.42 -13.58 -2.16
C HIS A 21 -9.12 -12.79 -2.36
N SER A 22 -8.73 -12.60 -3.62
CA SER A 22 -7.53 -11.81 -3.99
C SER A 22 -7.74 -10.29 -4.16
N TRP A 23 -8.95 -9.78 -3.95
CA TRP A 23 -9.26 -8.44 -4.45
C TRP A 23 -10.15 -7.61 -3.50
N LYS A 24 -9.77 -6.36 -3.25
CA LYS A 24 -10.56 -5.50 -2.37
C LYS A 24 -10.11 -4.03 -2.40
N GLN A 25 -11.06 -3.12 -2.17
CA GLN A 25 -10.83 -1.69 -2.25
C GLN A 25 -11.48 -1.03 -1.04
N ASN A 26 -10.88 0.02 -0.50
CA ASN A 26 -11.58 0.81 0.49
C ASN A 26 -11.25 2.29 0.36
N LEU A 27 -12.22 3.14 0.69
CA LEU A 27 -12.12 4.58 0.45
C LEU A 27 -12.79 5.30 1.57
N VAL A 28 -12.14 6.33 2.10
CA VAL A 28 -12.67 7.13 3.19
C VAL A 28 -12.62 8.60 2.82
N SER A 29 -13.66 9.37 3.15
CA SER A 29 -13.73 10.78 2.76
C SER A 29 -14.73 11.57 3.61
N GLY A 30 -14.59 12.89 3.66
CA GLY A 30 -15.52 13.76 4.42
C GLY A 30 -16.36 14.68 3.55
N TRP A 31 -17.61 14.93 3.96
CA TRP A 31 -18.53 15.74 3.15
C TRP A 31 -19.27 16.73 4.05
N LEU A 32 -19.50 17.92 3.48
CA LEU A 32 -20.39 18.97 4.02
C LEU A 32 -21.59 19.09 3.07
N SER A 33 -22.63 18.29 3.34
CA SER A 33 -23.70 17.96 2.39
C SER A 33 -23.21 17.42 1.04
N ASP A 34 -23.42 18.16 -0.03
CA ASP A 34 -23.02 17.75 -1.38
C ASP A 34 -21.54 17.94 -1.65
N LEU A 35 -20.94 18.93 -1.00
CA LEU A 35 -19.56 19.35 -1.21
C LEU A 35 -18.53 18.47 -0.51
N GLN A 36 -17.65 17.80 -1.25
CA GLN A 36 -16.49 17.10 -0.66
C GLN A 36 -15.52 18.09 0.03
N THR A 37 -14.91 17.69 1.14
CA THR A 37 -13.87 18.53 1.81
C THR A 37 -12.60 17.80 2.26
N HIS A 38 -12.65 16.46 2.38
CA HIS A 38 -11.51 15.67 2.86
C HIS A 38 -11.37 14.34 2.08
N THR A 39 -10.12 13.85 1.98
CA THR A 39 -9.82 12.49 1.47
C THR A 39 -8.70 11.91 2.29
N TRP A 40 -8.68 10.58 2.36
CA TRP A 40 -7.65 9.83 3.05
C TRP A 40 -6.77 9.24 1.98
N ASP A 41 -5.46 9.47 2.07
CA ASP A 41 -4.48 9.09 1.02
C ASP A 41 -3.55 7.93 1.47
N SER A 42 -3.96 6.68 1.18
CA SER A 42 -3.29 5.50 1.74
C SER A 42 -1.84 5.38 1.33
N ASN A 43 -1.52 5.65 0.06
CA ASN A 43 -0.13 5.55 -0.42
C ASN A 43 0.88 6.16 0.57
N SER A 44 0.55 7.30 1.18
CA SER A 44 1.39 7.96 2.20
C SER A 44 0.82 7.95 3.62
N SER A 45 -0.48 7.66 3.74
CA SER A 45 -1.14 7.46 5.03
C SER A 45 -1.44 8.78 5.78
N THR A 46 -2.13 9.68 5.09
CA THR A 46 -2.39 11.03 5.60
C THR A 46 -3.77 11.58 5.19
N ILE A 47 -4.21 12.64 5.86
CA ILE A 47 -5.44 13.33 5.49
C ILE A 47 -5.16 14.41 4.48
N VAL A 48 -6.06 14.58 3.52
CA VAL A 48 -5.92 15.57 2.45
C VAL A 48 -7.00 16.65 2.50
N PHE A 49 -6.59 17.89 2.73
CA PHE A 49 -7.52 19.02 2.82
C PHE A 49 -7.78 19.59 1.42
N LEU A 50 -8.99 19.41 0.91
CA LEU A 50 -9.30 19.90 -0.44
C LEU A 50 -9.51 21.41 -0.55
N TRP A 51 -9.83 22.09 0.53
CA TRP A 51 -9.95 23.56 0.53
C TRP A 51 -9.10 24.16 1.69
N PRO A 52 -8.55 25.36 1.51
CA PRO A 52 -7.79 26.02 2.61
C PRO A 52 -8.53 26.12 3.97
N TRP A 53 -9.85 26.26 3.94
CA TRP A 53 -10.73 26.26 5.15
C TRP A 53 -11.17 24.83 5.57
N SER A 54 -10.54 23.79 5.05
CA SER A 54 -10.88 22.42 5.48
C SER A 54 -10.34 22.12 6.87
N ARG A 55 -9.43 22.93 7.37
CA ARG A 55 -8.87 22.76 8.71
C ARG A 55 -9.82 23.25 9.82
N GLY A 56 -10.78 24.10 9.44
CA GLY A 56 -11.69 24.68 10.41
C GLY A 56 -10.98 25.52 11.46
N ASN A 57 -11.26 25.24 12.74
CA ASN A 57 -10.55 25.93 13.82
C ASN A 57 -9.67 24.96 14.65
N PHE A 58 -9.09 23.98 13.99
CA PHE A 58 -8.32 22.88 14.63
C PHE A 58 -6.82 23.05 14.37
N SER A 59 -6.00 22.65 15.32
CA SER A 59 -4.56 22.87 15.23
C SER A 59 -3.90 21.63 14.65
N ASN A 60 -2.63 21.76 14.30
CA ASN A 60 -1.86 20.67 13.71
C ASN A 60 -1.74 19.52 14.69
N GLU A 61 -1.47 19.86 15.93
CA GLU A 61 -1.47 18.95 17.06
C GLU A 61 -2.64 17.94 17.00
N GLU A 62 -3.84 18.48 16.88
CA GLU A 62 -5.06 17.69 16.94
C GLU A 62 -5.26 16.91 15.65
N TRP A 63 -5.02 17.54 14.49
CA TRP A 63 -5.08 16.84 13.21
C TRP A 63 -4.11 15.67 13.17
N LYS A 64 -2.94 15.85 13.77
CA LYS A 64 -1.95 14.79 13.93
C LYS A 64 -2.56 13.58 14.66
N GLU A 65 -3.28 13.85 15.75
CA GLU A 65 -3.87 12.78 16.54
C GLU A 65 -5.02 12.14 15.76
N LEU A 66 -5.81 12.94 15.08
CA LEU A 66 -6.83 12.40 14.21
C LEU A 66 -6.22 11.52 13.10
N GLU A 67 -4.99 11.79 12.65
CA GLU A 67 -4.33 10.96 11.62
C GLU A 67 -3.88 9.56 12.13
N THR A 68 -3.29 9.51 13.33
CA THR A 68 -2.99 8.25 14.02
C THR A 68 -4.23 7.36 14.04
N LEU A 69 -5.37 7.98 14.35
CA LEU A 69 -6.60 7.26 14.57
C LEU A 69 -7.10 6.59 13.31
N PHE A 70 -7.19 7.35 12.23
CA PHE A 70 -7.68 6.80 10.96
C PHE A 70 -6.69 5.75 10.41
N ARG A 71 -5.39 5.99 10.60
CA ARG A 71 -4.41 5.00 10.19
C ARG A 71 -4.79 3.66 10.77
N ILE A 72 -4.97 3.63 12.09
CA ILE A 72 -5.16 2.39 12.84
C ILE A 72 -6.51 1.72 12.52
N ARG A 73 -7.56 2.53 12.51
CA ARG A 73 -8.92 2.01 12.42
C ARG A 73 -9.28 1.41 11.06
N THR A 74 -8.83 2.06 9.99
CA THR A 74 -9.25 1.65 8.64
C THR A 74 -8.65 0.30 8.32
N ILE A 75 -7.42 0.05 8.76
CA ILE A 75 -6.78 -1.25 8.55
C ILE A 75 -7.40 -2.29 9.45
N ARG A 76 -7.34 -2.10 10.76
CA ARG A 76 -8.04 -3.01 11.70
C ARG A 76 -9.46 -3.36 11.26
N SER A 77 -10.27 -2.34 10.99
CA SER A 77 -11.64 -2.59 10.59
C SER A 77 -11.69 -3.41 9.32
N PHE A 78 -10.86 -3.06 8.36
CA PHE A 78 -10.85 -3.72 7.08
C PHE A 78 -10.38 -5.15 7.25
N GLU A 79 -9.26 -5.34 7.95
CA GLU A 79 -8.68 -6.68 8.11
C GLU A 79 -9.60 -7.59 8.91
N GLY A 80 -10.38 -7.03 9.81
CA GLY A 80 -11.21 -7.85 10.70
C GLY A 80 -12.57 -8.24 10.14
N ILE A 81 -13.12 -7.44 9.23
CA ILE A 81 -14.34 -7.85 8.51
C ILE A 81 -14.07 -9.03 7.55
N ARG A 82 -12.86 -9.10 7.00
CA ARG A 82 -12.43 -10.22 6.18
C ARG A 82 -12.37 -11.55 6.94
N ARG A 83 -11.88 -11.52 8.19
CA ARG A 83 -11.76 -12.75 9.00
C ARG A 83 -13.05 -13.16 9.71
N TYR A 84 -13.91 -12.20 10.01
CA TYR A 84 -15.21 -12.49 10.58
C TYR A 84 -16.29 -12.86 9.53
N ALA A 85 -15.93 -12.73 8.25
CA ALA A 85 -16.86 -12.95 7.15
C ALA A 85 -17.43 -14.37 7.13
N HIS A 86 -16.57 -15.36 7.20
CA HIS A 86 -17.04 -16.74 7.13
C HIS A 86 -18.14 -17.09 8.15
N GLU A 87 -17.97 -16.62 9.39
CA GLU A 87 -18.92 -16.88 10.47
C GLU A 87 -20.21 -16.02 10.40
N LEU A 88 -20.06 -14.74 10.05
CA LEU A 88 -21.20 -13.88 9.78
C LEU A 88 -21.94 -14.25 8.51
N GLN A 89 -21.38 -15.19 7.75
CA GLN A 89 -21.97 -15.67 6.50
C GLN A 89 -22.11 -14.59 5.41
N PHE A 90 -21.22 -13.59 5.43
CA PHE A 90 -21.09 -12.65 4.30
C PHE A 90 -20.53 -13.41 3.10
N GLU A 91 -21.16 -13.27 1.94
CA GLU A 91 -20.79 -14.05 0.76
C GLU A 91 -20.22 -13.18 -0.36
N TYR A 92 -19.15 -13.66 -0.98
CA TYR A 92 -18.44 -12.94 -2.06
C TYR A 92 -19.26 -12.90 -3.35
N PRO A 93 -19.37 -11.75 -4.00
CA PRO A 93 -18.81 -10.47 -3.55
C PRO A 93 -19.79 -9.72 -2.65
N PHE A 94 -19.31 -8.80 -1.82
CA PHE A 94 -20.19 -8.01 -0.94
C PHE A 94 -19.59 -6.66 -0.61
N GLU A 95 -20.42 -5.70 -0.21
CA GLU A 95 -19.96 -4.36 0.09
C GLU A 95 -20.34 -3.91 1.51
N ILE A 96 -19.54 -3.07 2.14
CA ILE A 96 -19.90 -2.48 3.45
C ILE A 96 -19.84 -0.97 3.33
N GLN A 97 -20.81 -0.28 3.92
CA GLN A 97 -20.89 1.17 3.90
C GLN A 97 -21.15 1.76 5.28
N VAL A 98 -20.45 2.84 5.61
CA VAL A 98 -20.66 3.55 6.87
C VAL A 98 -20.73 5.03 6.63
N THR A 99 -21.56 5.70 7.44
CA THR A 99 -21.67 7.17 7.48
C THR A 99 -21.88 7.63 8.91
N GLY A 100 -21.19 8.68 9.29
CA GLY A 100 -21.29 9.21 10.64
C GLY A 100 -20.89 10.67 10.67
N GLY A 101 -21.40 11.39 11.65
CA GLY A 101 -21.21 12.83 11.72
C GLY A 101 -22.36 13.44 12.50
N CYS A 102 -22.73 14.67 12.16
CA CYS A 102 -23.82 15.34 12.89
C CYS A 102 -24.38 16.53 12.13
N GLU A 103 -25.38 17.20 12.72
CA GLU A 103 -26.11 18.25 12.01
C GLU A 103 -26.60 19.40 12.87
N LEU A 104 -27.05 20.45 12.18
CA LEU A 104 -27.63 21.63 12.84
C LEU A 104 -29.05 21.93 12.34
N HIS A 105 -29.93 22.29 13.27
CA HIS A 105 -31.26 22.83 12.95
C HIS A 105 -31.28 24.27 13.47
N SER A 106 -31.43 25.22 12.55
CA SER A 106 -31.44 26.65 12.87
C SER A 106 -30.23 27.16 13.69
N GLY A 107 -29.03 26.79 13.24
CA GLY A 107 -27.79 27.35 13.81
C GLY A 107 -27.33 26.80 15.16
N LYS A 108 -28.02 25.77 15.67
CA LYS A 108 -27.60 25.04 16.86
C LYS A 108 -27.49 23.57 16.53
N VAL A 109 -26.55 22.89 17.19
CA VAL A 109 -26.33 21.44 16.99
C VAL A 109 -27.54 20.64 17.46
N SER A 110 -27.82 19.57 16.73
CA SER A 110 -29.11 18.91 16.78
C SER A 110 -28.93 17.43 17.18
N GLY A 111 -28.01 16.74 16.53
CA GLY A 111 -27.70 15.37 16.93
C GLY A 111 -26.63 14.73 16.07
N SER A 112 -26.14 13.59 16.52
CA SER A 112 -25.15 12.85 15.78
C SER A 112 -25.68 11.46 15.40
N PHE A 113 -24.99 10.79 14.50
CA PHE A 113 -25.41 9.49 14.02
C PHE A 113 -24.20 8.69 13.57
N LEU A 114 -24.38 7.38 13.45
CA LEU A 114 -23.37 6.47 12.93
C LEU A 114 -24.09 5.19 12.55
N GLN A 115 -24.19 4.93 11.24
CA GLN A 115 -25.01 3.85 10.69
C GLN A 115 -24.20 3.01 9.72
N LEU A 116 -24.47 1.72 9.69
CA LEU A 116 -23.71 0.81 8.86
C LEU A 116 -24.62 -0.09 8.04
N ALA A 117 -24.20 -0.36 6.79
CA ALA A 117 -25.02 -1.08 5.79
C ALA A 117 -24.27 -2.26 5.16
N TYR A 118 -25.02 -3.30 4.84
CA TYR A 118 -24.49 -4.49 4.18
C TYR A 118 -25.31 -4.69 2.91
N GLN A 119 -24.67 -4.90 1.77
CA GLN A 119 -25.36 -5.07 0.48
C GLN A 119 -26.46 -4.04 0.18
N GLY A 120 -26.21 -2.77 0.48
CA GLY A 120 -27.16 -1.72 0.15
C GLY A 120 -28.31 -1.48 1.13
N SER A 121 -28.37 -2.23 2.23
CA SER A 121 -29.48 -2.14 3.18
C SER A 121 -28.99 -1.88 4.60
N ASP A 122 -29.81 -1.19 5.40
CA ASP A 122 -29.52 -0.96 6.83
C ASP A 122 -29.22 -2.27 7.54
N PHE A 123 -28.13 -2.27 8.32
CA PHE A 123 -27.68 -3.46 9.05
C PHE A 123 -27.56 -3.12 10.56
N VAL A 124 -26.68 -2.18 10.94
CA VAL A 124 -26.48 -1.83 12.35
C VAL A 124 -26.26 -0.31 12.54
N SER A 125 -26.52 0.18 13.75
CA SER A 125 -26.32 1.60 14.08
C SER A 125 -25.77 1.78 15.51
N PHE A 126 -25.11 2.90 15.75
CA PHE A 126 -24.48 3.18 17.04
C PHE A 126 -25.26 4.26 17.78
N GLN A 127 -25.94 3.91 18.87
CA GLN A 127 -26.77 4.89 19.60
C GLN A 127 -26.61 4.68 21.06
N ASN A 128 -26.58 5.79 21.80
CA ASN A 128 -26.45 5.80 23.27
C ASN A 128 -25.32 4.84 23.70
N ASN A 129 -24.16 4.95 23.04
CA ASN A 129 -22.92 4.30 23.49
C ASN A 129 -22.86 2.78 23.25
N SER A 130 -23.64 2.29 22.29
CA SER A 130 -23.79 0.86 22.09
C SER A 130 -24.13 0.53 20.64
N TRP A 131 -23.78 -0.66 20.18
CA TRP A 131 -24.13 -1.07 18.83
C TRP A 131 -25.46 -1.79 18.84
N LEU A 132 -26.38 -1.37 17.96
CA LEU A 132 -27.74 -1.91 17.89
C LEU A 132 -28.08 -2.56 16.54
N PRO A 133 -28.84 -3.66 16.60
CA PRO A 133 -29.23 -4.40 15.40
C PRO A 133 -30.50 -3.84 14.77
N TYR A 134 -30.57 -3.93 13.45
CA TYR A 134 -31.69 -3.41 12.69
C TYR A 134 -32.71 -4.55 12.46
N PRO A 135 -33.92 -4.38 13.00
CA PRO A 135 -34.96 -5.41 12.97
C PRO A 135 -34.97 -6.35 11.77
N VAL A 136 -35.16 -5.86 10.54
CA VAL A 136 -35.30 -6.76 9.39
C VAL A 136 -34.04 -7.47 8.90
N ALA A 137 -32.90 -7.07 9.41
CA ALA A 137 -31.62 -7.69 9.04
C ALA A 137 -31.44 -9.10 9.59
N GLY A 138 -32.09 -9.40 10.71
CA GLY A 138 -32.04 -10.76 11.26
C GLY A 138 -30.85 -11.15 12.12
N ASN A 139 -30.63 -12.46 12.25
CA ASN A 139 -29.66 -13.04 13.19
C ASN A 139 -28.20 -12.69 12.93
N MET A 140 -27.80 -12.51 11.68
CA MET A 140 -26.42 -12.13 11.38
C MET A 140 -26.09 -10.75 11.96
N ALA A 141 -27.07 -9.86 12.02
CA ALA A 141 -26.87 -8.53 12.57
C ALA A 141 -26.76 -8.55 14.09
N LYS A 142 -27.41 -9.52 14.74
CA LYS A 142 -27.26 -9.69 16.20
C LYS A 142 -25.83 -10.12 16.56
N HIS A 143 -25.31 -11.14 15.85
CA HIS A 143 -23.96 -11.67 16.08
C HIS A 143 -22.93 -10.55 15.92
N PHE A 144 -23.12 -9.77 14.87
CA PHE A 144 -22.22 -8.67 14.57
C PHE A 144 -22.16 -7.67 15.73
N CYS A 145 -23.31 -7.32 16.32
CA CYS A 145 -23.34 -6.45 17.49
C CYS A 145 -22.69 -7.10 18.72
N LYS A 146 -22.98 -8.38 18.96
CA LYS A 146 -22.30 -9.15 20.00
C LYS A 146 -20.81 -8.90 19.93
N VAL A 147 -20.26 -9.01 18.73
CA VAL A 147 -18.83 -8.84 18.54
C VAL A 147 -18.35 -7.40 18.79
N LEU A 148 -19.09 -6.42 18.24
CA LEU A 148 -18.71 -5.01 18.29
C LEU A 148 -18.84 -4.38 19.67
N ASN A 149 -19.67 -4.94 20.54
CA ASN A 149 -19.80 -4.42 21.89
C ASN A 149 -18.80 -4.99 22.92
N GLN A 150 -18.06 -6.04 22.55
CA GLN A 150 -17.08 -6.67 23.44
C GLN A 150 -16.04 -5.65 23.91
N ASN A 151 -15.48 -4.91 22.97
CA ASN A 151 -14.47 -3.91 23.26
C ASN A 151 -15.09 -2.59 23.75
N GLN A 152 -15.34 -2.48 25.05
CA GLN A 152 -15.90 -1.27 25.62
C GLN A 152 -15.00 -0.06 25.47
N HIS A 153 -13.69 -0.28 25.48
CA HIS A 153 -12.74 0.79 25.30
C HIS A 153 -12.99 1.47 23.98
N GLU A 154 -12.97 0.71 22.90
CA GLU A 154 -13.08 1.30 21.57
C GLU A 154 -14.43 1.97 21.33
N ASN A 155 -15.47 1.52 22.02
CA ASN A 155 -16.74 2.19 21.98
C ASN A 155 -16.72 3.59 22.63
N ASP A 156 -15.97 3.78 23.71
CA ASP A 156 -15.91 5.12 24.34
C ASP A 156 -15.19 6.13 23.45
N ILE A 157 -14.26 5.63 22.65
CA ILE A 157 -13.56 6.46 21.70
C ILE A 157 -14.51 6.85 20.59
N THR A 158 -15.24 5.88 20.03
CA THR A 158 -16.27 6.17 19.00
C THR A 158 -17.30 7.17 19.53
N HIS A 159 -17.74 6.98 20.77
CA HIS A 159 -18.69 7.93 21.36
C HIS A 159 -18.11 9.34 21.59
N ASN A 160 -16.81 9.46 21.81
CA ASN A 160 -16.23 10.79 22.02
C ASN A 160 -16.01 11.56 20.71
N LEU A 161 -15.83 10.84 19.60
CA LEU A 161 -15.85 11.47 18.27
C LEU A 161 -17.22 12.05 17.93
N LEU A 162 -18.28 11.27 18.16
CA LEU A 162 -19.63 11.71 17.78
C LEU A 162 -20.16 12.76 18.72
N SER A 163 -19.86 12.60 20.00
CA SER A 163 -20.37 13.48 21.04
C SER A 163 -19.64 14.80 21.09
N ASP A 164 -18.30 14.78 21.11
CA ASP A 164 -17.53 16.01 21.39
C ASP A 164 -16.76 16.58 20.19
N THR A 165 -16.01 15.75 19.48
CA THR A 165 -15.15 16.25 18.40
C THR A 165 -15.92 16.81 17.21
N CYS A 166 -17.05 16.19 16.91
CA CYS A 166 -17.80 16.51 15.71
C CYS A 166 -18.64 17.82 15.77
N PRO A 167 -19.30 18.11 16.89
CA PRO A 167 -19.97 19.39 17.07
C PRO A 167 -19.04 20.60 17.04
N ARG A 168 -17.89 20.48 17.67
CA ARG A 168 -16.91 21.56 17.62
C ARG A 168 -16.43 21.74 16.20
N PHE A 169 -16.27 20.64 15.48
CA PHE A 169 -15.68 20.73 14.15
C PHE A 169 -16.56 21.48 13.16
N ILE A 170 -17.86 21.16 13.15
CA ILE A 170 -18.78 21.68 12.13
C ILE A 170 -19.05 23.20 12.28
N LEU A 171 -19.11 23.69 13.52
CA LEU A 171 -19.18 25.15 13.72
C LEU A 171 -17.91 25.85 13.26
N GLY A 172 -16.77 25.21 13.48
CA GLY A 172 -15.49 25.74 13.05
C GLY A 172 -15.33 25.70 11.54
N LEU A 173 -15.80 24.61 10.91
CA LEU A 173 -15.72 24.45 9.47
C LEU A 173 -16.57 25.51 8.75
N LEU A 174 -17.78 25.70 9.25
CA LEU A 174 -18.77 26.58 8.61
C LEU A 174 -18.41 28.05 8.65
N ASP A 175 -17.90 28.48 9.79
CA ASP A 175 -17.51 29.85 9.93
C ASP A 175 -16.25 30.12 9.11
N ALA A 176 -15.34 29.16 9.07
CA ALA A 176 -14.13 29.26 8.26
C ALA A 176 -14.41 29.22 6.76
N GLY A 177 -15.48 28.54 6.35
CA GLY A 177 -15.85 28.48 4.92
C GLY A 177 -16.91 29.51 4.52
N LYS A 178 -17.23 30.42 5.46
CA LYS A 178 -18.19 31.56 5.28
C LYS A 178 -18.25 32.12 3.86
N ALA A 179 -17.11 32.62 3.39
CA ALA A 179 -17.04 33.36 2.15
C ALA A 179 -17.20 32.50 0.89
N HIS A 180 -17.10 31.18 1.02
CA HIS A 180 -17.32 30.32 -0.13
C HIS A 180 -18.79 29.85 -0.17
N LEU A 181 -19.35 29.48 0.99
CA LEU A 181 -20.70 28.92 1.10
C LEU A 181 -21.82 29.96 0.99
N GLN A 182 -21.55 31.20 1.42
CA GLN A 182 -22.55 32.27 1.35
C GLN A 182 -22.48 33.10 0.04
N ARG A 183 -21.68 32.65 -0.92
CA ARG A 183 -21.55 33.40 -2.16
C ARG A 183 -22.79 33.20 -3.03
N GLN A 184 -22.96 34.09 -4.01
CA GLN A 184 -24.14 34.12 -4.90
C GLN A 184 -23.74 34.14 -6.39
N VAL A 185 -24.28 33.24 -7.20
CA VAL A 185 -23.88 33.12 -8.62
C VAL A 185 -25.11 33.06 -9.55
N LYS A 186 -25.19 34.01 -10.51
CA LYS A 186 -26.40 34.22 -11.35
C LYS A 186 -26.55 33.22 -12.50
N PRO A 187 -27.73 32.63 -12.66
CA PRO A 187 -27.93 31.63 -13.73
C PRO A 187 -28.04 32.26 -15.10
N GLU A 188 -27.87 31.44 -16.13
CA GLU A 188 -28.32 31.79 -17.49
C GLU A 188 -29.48 30.85 -17.84
N ALA A 189 -30.21 31.17 -18.91
CA ALA A 189 -31.37 30.36 -19.30
C ALA A 189 -31.57 30.34 -20.81
N TRP A 190 -32.22 29.30 -21.31
CA TRP A 190 -32.49 29.18 -22.75
C TRP A 190 -33.60 28.18 -22.99
N LEU A 191 -34.25 28.21 -24.15
CA LEU A 191 -35.43 27.40 -24.45
C LEU A 191 -35.18 26.44 -25.61
N SER A 192 -35.84 25.28 -25.61
CA SER A 192 -35.72 24.31 -26.72
C SER A 192 -36.90 23.36 -26.80
N HIS A 193 -37.05 22.70 -27.96
CA HIS A 193 -38.04 21.65 -28.15
C HIS A 193 -37.65 20.39 -27.40
N GLY A 194 -38.61 19.76 -26.71
CA GLY A 194 -38.42 18.41 -26.18
C GLY A 194 -39.10 17.40 -27.09
N PRO A 195 -39.19 16.15 -26.64
CA PRO A 195 -39.90 15.09 -27.42
C PRO A 195 -41.42 15.31 -27.51
N SER A 196 -41.98 15.08 -28.70
CA SER A 196 -43.41 15.26 -28.91
C SER A 196 -44.19 14.19 -28.17
N PRO A 197 -45.14 14.58 -27.32
CA PRO A 197 -46.03 13.62 -26.70
C PRO A 197 -47.08 12.94 -27.59
N GLY A 198 -47.24 13.37 -28.86
CA GLY A 198 -48.21 12.74 -29.79
C GLY A 198 -48.69 13.74 -30.83
N PRO A 199 -49.37 13.28 -31.87
CA PRO A 199 -49.76 14.18 -32.98
C PRO A 199 -50.52 15.44 -32.51
N GLY A 200 -50.30 16.59 -33.13
CA GLY A 200 -50.96 17.83 -32.71
C GLY A 200 -50.40 18.53 -31.47
N HIS A 201 -49.43 17.91 -30.79
CA HIS A 201 -48.84 18.47 -29.55
C HIS A 201 -47.32 18.62 -29.51
N LEU A 202 -46.85 19.60 -28.75
CA LEU A 202 -45.42 19.86 -28.57
C LEU A 202 -45.03 19.73 -27.13
N GLN A 203 -43.72 19.68 -26.88
CA GLN A 203 -43.15 19.82 -25.54
C GLN A 203 -42.16 20.97 -25.49
N LEU A 204 -42.44 21.96 -24.64
CA LEU A 204 -41.54 23.09 -24.48
C LEU A 204 -40.61 22.83 -23.31
N VAL A 205 -39.31 23.04 -23.53
CA VAL A 205 -38.30 22.88 -22.49
C VAL A 205 -37.58 24.19 -22.23
N CYS A 206 -37.33 24.45 -20.96
CA CYS A 206 -36.71 25.66 -20.48
C CYS A 206 -35.58 25.24 -19.53
N HIS A 207 -34.32 25.51 -19.93
CA HIS A 207 -33.13 25.15 -19.17
C HIS A 207 -32.63 26.30 -18.26
N VAL A 208 -32.35 26.01 -17.01
CA VAL A 208 -31.71 27.00 -16.12
C VAL A 208 -30.40 26.39 -15.59
N SER A 209 -29.28 27.12 -15.72
CA SER A 209 -27.99 26.54 -15.32
C SER A 209 -26.96 27.55 -14.81
N GLY A 210 -26.04 27.06 -13.99
CA GLY A 210 -25.03 27.89 -13.38
C GLY A 210 -25.38 28.61 -12.08
N PHE A 211 -26.43 28.20 -11.40
CA PHE A 211 -26.85 28.92 -10.19
C PHE A 211 -26.27 28.40 -8.87
N TYR A 212 -26.05 29.32 -7.93
CA TYR A 212 -25.67 28.98 -6.57
C TYR A 212 -26.08 30.13 -5.63
N PRO A 213 -26.78 29.89 -4.53
CA PRO A 213 -27.08 28.56 -3.95
C PRO A 213 -28.15 27.78 -4.68
N LYS A 214 -28.67 26.74 -4.03
CA LYS A 214 -29.54 25.73 -4.68
C LYS A 214 -31.01 26.10 -4.88
N PRO A 215 -31.65 26.72 -3.90
CA PRO A 215 -33.05 27.16 -4.05
C PRO A 215 -33.38 28.08 -5.24
N VAL A 216 -34.22 27.62 -6.16
CA VAL A 216 -34.58 28.37 -7.38
C VAL A 216 -36.09 28.20 -7.67
N TRP A 217 -36.65 29.07 -8.51
CA TRP A 217 -38.08 29.05 -8.91
C TRP A 217 -38.20 29.27 -10.42
N VAL A 218 -38.89 28.37 -11.10
CA VAL A 218 -39.03 28.48 -12.55
C VAL A 218 -40.42 27.99 -12.97
N MET A 219 -41.11 28.78 -13.77
CA MET A 219 -42.49 28.49 -14.14
C MET A 219 -42.84 28.95 -15.59
N TRP A 220 -43.62 28.16 -16.33
CA TRP A 220 -44.21 28.61 -17.59
C TRP A 220 -45.43 29.50 -17.32
N MET A 221 -45.59 30.55 -18.12
CA MET A 221 -46.57 31.64 -17.86
C MET A 221 -47.34 32.03 -19.13
N ARG A 222 -48.59 32.47 -18.96
CA ARG A 222 -49.30 33.25 -19.97
C ARG A 222 -49.70 34.60 -19.36
N GLY A 223 -48.86 35.60 -19.61
CA GLY A 223 -48.95 36.87 -18.92
C GLY A 223 -48.70 36.67 -17.44
N GLU A 224 -49.67 37.05 -16.61
CA GLU A 224 -49.59 36.90 -15.14
C GLU A 224 -50.04 35.53 -14.68
N GLN A 225 -50.60 34.73 -15.60
CA GLN A 225 -51.23 33.46 -15.25
C GLN A 225 -50.26 32.26 -15.34
N GLU A 226 -49.98 31.63 -14.19
CA GLU A 226 -49.01 30.53 -14.10
C GLU A 226 -49.62 29.29 -14.73
N GLN A 227 -48.84 28.58 -15.53
CA GLN A 227 -49.28 27.36 -16.17
C GLN A 227 -48.99 26.14 -15.28
N GLN A 228 -50.05 25.53 -14.76
CA GLN A 228 -49.94 24.50 -13.76
C GLN A 228 -49.57 23.14 -14.36
N GLY A 229 -49.44 23.06 -15.68
CA GLY A 229 -48.85 21.88 -16.33
C GLY A 229 -47.32 21.83 -16.32
N THR A 230 -46.69 22.85 -15.73
CA THR A 230 -45.23 22.95 -15.59
C THR A 230 -44.67 21.84 -14.72
N GLN A 231 -43.80 21.00 -15.28
CA GLN A 231 -43.13 19.90 -14.54
C GLN A 231 -41.67 20.15 -14.52
N ARG A 232 -41.11 20.31 -13.32
CA ARG A 232 -39.68 20.48 -13.20
C ARG A 232 -38.99 19.13 -12.88
N GLY A 233 -37.76 18.98 -13.37
CA GLY A 233 -36.96 17.78 -13.16
C GLY A 233 -36.08 17.89 -11.90
N ASP A 234 -35.07 17.01 -11.86
CA ASP A 234 -34.07 16.96 -10.81
C ASP A 234 -33.14 18.14 -10.92
N ILE A 235 -32.61 18.57 -9.78
CA ILE A 235 -31.49 19.51 -9.79
C ILE A 235 -30.20 18.69 -9.90
N LEU A 236 -29.38 18.96 -10.90
CA LEU A 236 -28.24 18.12 -11.28
C LEU A 236 -26.96 18.91 -11.14
N PRO A 237 -25.85 18.23 -10.88
CA PRO A 237 -24.62 18.94 -10.53
C PRO A 237 -23.87 19.25 -11.78
N SER A 238 -22.99 20.22 -11.68
CA SER A 238 -22.11 20.57 -12.78
C SER A 238 -20.68 20.64 -12.20
N ALA A 239 -19.69 20.32 -13.05
CA ALA A 239 -18.34 20.06 -12.58
C ALA A 239 -17.69 21.22 -11.77
N ASP A 240 -18.09 22.46 -12.04
CA ASP A 240 -17.56 23.66 -11.32
C ASP A 240 -18.20 24.01 -9.94
N GLY A 241 -19.18 23.25 -9.46
CA GLY A 241 -19.85 23.57 -8.17
C GLY A 241 -21.27 24.16 -8.21
N THR A 242 -21.66 24.74 -9.36
CA THR A 242 -22.99 25.33 -9.58
C THR A 242 -23.96 24.27 -10.06
N TRP A 243 -25.27 24.62 -10.16
CA TRP A 243 -26.39 23.66 -10.41
C TRP A 243 -27.14 23.86 -11.75
N TYR A 244 -27.94 22.83 -12.14
CA TYR A 244 -28.66 22.79 -13.43
C TYR A 244 -30.07 22.20 -13.28
N LEU A 245 -31.05 22.69 -14.04
CA LEU A 245 -32.46 22.25 -13.97
C LEU A 245 -33.20 22.41 -15.29
N ARG A 246 -34.13 21.51 -15.64
CA ARG A 246 -35.08 21.79 -16.73
C ARG A 246 -36.51 21.77 -16.25
N ALA A 247 -37.35 22.62 -16.87
CA ALA A 247 -38.78 22.73 -16.55
C ALA A 247 -39.54 22.63 -17.87
N THR A 248 -40.50 21.70 -17.98
CA THR A 248 -41.17 21.40 -19.26
C THR A 248 -42.69 21.56 -19.26
N LEU A 249 -43.26 21.75 -20.46
CA LEU A 249 -44.70 21.95 -20.65
C LEU A 249 -45.17 21.33 -21.96
N GLU A 250 -46.27 20.61 -21.90
CA GLU A 250 -46.85 20.01 -23.09
C GLU A 250 -48.07 20.85 -23.48
N VAL A 251 -48.15 21.24 -24.75
CA VAL A 251 -49.30 22.04 -25.21
C VAL A 251 -49.77 21.60 -26.60
N ALA A 252 -51.07 21.74 -26.87
CA ALA A 252 -51.59 21.66 -28.22
C ALA A 252 -50.86 22.74 -29.01
N ALA A 253 -50.53 22.47 -30.27
CA ALA A 253 -49.67 23.39 -31.02
C ALA A 253 -50.38 24.68 -31.49
N GLY A 254 -51.69 24.62 -31.74
CA GLY A 254 -52.48 25.82 -31.98
C GLY A 254 -52.37 26.81 -30.84
N GLU A 255 -52.19 26.32 -29.62
CA GLU A 255 -52.25 27.15 -28.42
C GLU A 255 -50.89 27.38 -27.78
N ALA A 256 -49.84 27.56 -28.58
CA ALA A 256 -48.45 27.77 -28.05
C ALA A 256 -47.97 29.24 -28.07
N ALA A 257 -48.72 30.10 -28.76
CA ALA A 257 -48.39 31.52 -28.81
C ALA A 257 -48.55 32.23 -27.44
N ASP A 258 -47.76 33.27 -27.20
CA ASP A 258 -47.84 34.11 -25.97
C ASP A 258 -47.34 33.42 -24.69
N LEU A 259 -46.57 32.34 -24.85
CA LEU A 259 -46.00 31.61 -23.70
C LEU A 259 -44.63 32.15 -23.36
N SER A 260 -44.31 32.16 -22.08
CA SER A 260 -42.99 32.58 -21.60
C SER A 260 -42.56 31.77 -20.38
N CYS A 261 -41.24 31.74 -20.14
CA CYS A 261 -40.63 31.05 -18.98
C CYS A 261 -40.04 32.09 -18.05
N ARG A 262 -40.35 32.04 -16.78
CA ARG A 262 -39.86 33.08 -15.87
C ARG A 262 -38.98 32.49 -14.78
N VAL A 263 -37.87 33.14 -14.48
CA VAL A 263 -36.94 32.61 -13.43
C VAL A 263 -36.68 33.61 -12.29
N LYS A 264 -36.82 33.11 -11.05
CA LYS A 264 -36.50 33.87 -9.82
C LYS A 264 -35.45 33.16 -8.97
N HIS A 265 -34.45 33.92 -8.54
CA HIS A 265 -33.31 33.37 -7.79
C HIS A 265 -32.68 34.49 -6.98
N SER A 266 -32.09 34.13 -5.85
CA SER A 266 -31.57 35.10 -4.89
C SER A 266 -30.43 35.96 -5.44
N SER A 267 -29.70 35.45 -6.43
CA SER A 267 -28.63 36.22 -7.08
C SER A 267 -29.14 37.44 -7.85
N LEU A 268 -30.34 37.34 -8.41
CA LEU A 268 -30.82 38.31 -9.38
C LEU A 268 -31.24 39.66 -8.79
N GLU A 269 -31.35 39.74 -7.47
CA GLU A 269 -31.59 41.02 -6.80
C GLU A 269 -32.92 41.70 -7.18
N GLY A 270 -33.96 40.89 -7.39
CA GLY A 270 -35.26 41.41 -7.82
C GLY A 270 -35.56 41.31 -9.32
N GLN A 271 -34.58 41.48 -10.22
CA GLN A 271 -34.86 41.34 -11.70
C GLN A 271 -35.01 39.88 -12.17
N ASP A 272 -36.23 39.43 -12.36
CA ASP A 272 -36.46 38.08 -12.90
C ASP A 272 -35.99 37.97 -14.35
N ILE A 273 -35.50 36.79 -14.69
CA ILE A 273 -35.23 36.42 -16.09
C ILE A 273 -36.53 36.03 -16.75
N VAL A 274 -36.78 36.52 -17.97
CA VAL A 274 -37.99 36.13 -18.70
C VAL A 274 -37.70 35.85 -20.21
N LEU A 275 -37.96 34.63 -20.67
CA LEU A 275 -37.82 34.29 -22.07
C LEU A 275 -39.18 34.04 -22.76
N TYR A 276 -39.30 34.48 -24.02
CA TYR A 276 -40.54 34.35 -24.80
C TYR A 276 -40.41 33.29 -25.87
N TRP A 277 -41.40 32.40 -25.97
CA TRP A 277 -41.45 31.34 -27.01
C TRP A 277 -41.91 31.94 -28.32
N ILE B 1 -29.83 -5.86 -1.73
CA ILE B 1 -30.54 -5.29 -2.93
C ILE B 1 -29.56 -4.96 -4.06
N GLN B 2 -30.06 -5.03 -5.29
CA GLN B 2 -29.39 -4.44 -6.43
C GLN B 2 -30.31 -3.35 -6.97
N ARG B 3 -29.74 -2.25 -7.42
CA ARG B 3 -30.49 -1.19 -8.01
C ARG B 3 -29.84 -0.87 -9.32
N THR B 4 -30.64 -0.59 -10.34
CA THR B 4 -30.07 -0.28 -11.64
C THR B 4 -29.88 1.24 -11.82
N PRO B 5 -28.81 1.65 -12.53
CA PRO B 5 -28.47 3.09 -12.73
C PRO B 5 -29.44 3.97 -13.49
N LYS B 6 -29.46 5.24 -13.13
CA LYS B 6 -30.24 6.25 -13.83
C LYS B 6 -29.23 7.14 -14.53
N ILE B 7 -29.46 7.40 -15.83
CA ILE B 7 -28.47 8.10 -16.67
C ILE B 7 -29.01 9.41 -17.33
N GLN B 8 -28.43 10.55 -16.95
CA GLN B 8 -28.79 11.87 -17.44
C GLN B 8 -27.58 12.58 -18.13
N VAL B 9 -27.77 13.06 -19.36
CA VAL B 9 -26.75 13.80 -20.12
C VAL B 9 -27.17 15.26 -20.36
N TYR B 10 -26.26 16.21 -20.21
CA TYR B 10 -26.61 17.60 -20.40
C TYR B 10 -25.39 18.42 -20.66
N SER B 11 -25.57 19.56 -21.34
CA SER B 11 -24.45 20.50 -21.56
C SER B 11 -24.51 21.64 -20.54
N ARG B 12 -23.36 22.24 -20.25
CA ARG B 12 -23.23 23.33 -19.27
C ARG B 12 -23.78 24.66 -19.81
N HIS B 13 -23.50 24.91 -21.09
CA HIS B 13 -23.96 26.09 -21.81
C HIS B 13 -24.79 25.67 -23.04
N PRO B 14 -25.63 26.56 -23.55
CA PRO B 14 -26.34 26.27 -24.79
C PRO B 14 -25.38 26.03 -25.93
N ALA B 15 -25.73 25.10 -26.81
CA ALA B 15 -24.87 24.77 -27.96
C ALA B 15 -24.69 25.94 -28.91
N GLU B 16 -23.44 26.17 -29.30
CA GLU B 16 -23.13 27.13 -30.33
C GLU B 16 -22.03 26.51 -31.17
N ASN B 17 -22.39 26.02 -32.35
CA ASN B 17 -21.44 25.21 -33.12
C ASN B 17 -20.10 25.92 -33.26
N GLY B 18 -19.01 25.22 -32.96
CA GLY B 18 -17.67 25.75 -33.12
C GLY B 18 -17.08 26.39 -31.87
N LYS B 19 -17.84 26.37 -30.77
CA LYS B 19 -17.46 26.98 -29.48
C LYS B 19 -17.27 25.94 -28.36
N SER B 20 -16.22 26.07 -27.57
CA SER B 20 -15.96 25.10 -26.50
C SER B 20 -17.07 25.14 -25.45
N ASN B 21 -17.25 24.04 -24.73
CA ASN B 21 -18.41 23.81 -23.86
C ASN B 21 -18.06 22.62 -22.93
N PHE B 22 -18.94 22.17 -22.04
CA PHE B 22 -18.69 20.96 -21.21
C PHE B 22 -19.85 19.96 -21.29
N LEU B 23 -19.54 18.71 -21.63
CA LEU B 23 -20.55 17.65 -21.67
C LEU B 23 -20.54 16.90 -20.35
N ASN B 24 -21.70 16.69 -19.75
CA ASN B 24 -21.77 15.96 -18.47
C ASN B 24 -22.59 14.67 -18.57
N CYS B 25 -22.30 13.72 -17.69
CA CYS B 25 -23.03 12.46 -17.59
C CYS B 25 -23.15 12.08 -16.09
N TYR B 26 -24.33 12.33 -15.52
CA TYR B 26 -24.66 12.00 -14.14
C TYR B 26 -25.28 10.60 -14.02
N VAL B 27 -24.65 9.74 -13.21
CA VAL B 27 -25.06 8.33 -13.07
C VAL B 27 -25.35 8.04 -11.61
N SER B 28 -26.61 7.73 -11.30
CA SER B 28 -27.10 7.75 -9.91
C SER B 28 -28.07 6.62 -9.66
N GLY B 29 -28.28 6.34 -8.37
CA GLY B 29 -29.18 5.30 -7.92
C GLY B 29 -28.76 3.85 -8.17
N PHE B 30 -27.47 3.59 -8.34
CA PHE B 30 -26.99 2.19 -8.58
C PHE B 30 -26.37 1.49 -7.36
N HIS B 31 -26.52 0.17 -7.32
CA HIS B 31 -25.87 -0.69 -6.34
C HIS B 31 -25.82 -2.12 -6.88
N PRO B 32 -24.69 -2.84 -6.82
CA PRO B 32 -23.41 -2.42 -6.23
C PRO B 32 -22.60 -1.37 -7.02
N SER B 33 -21.46 -0.93 -6.47
CA SER B 33 -20.68 0.21 -7.03
C SER B 33 -19.81 -0.09 -8.26
N ASP B 34 -19.47 -1.34 -8.48
CA ASP B 34 -18.74 -1.76 -9.67
C ASP B 34 -19.42 -1.39 -11.01
N ILE B 35 -18.85 -0.43 -11.75
CA ILE B 35 -19.48 0.14 -12.95
C ILE B 35 -18.43 0.60 -14.00
N GLU B 36 -18.80 0.56 -15.29
CA GLU B 36 -17.94 1.14 -16.37
C GLU B 36 -18.66 2.29 -17.07
N VAL B 37 -18.10 3.51 -17.03
CA VAL B 37 -18.71 4.66 -17.73
C VAL B 37 -17.80 5.19 -18.86
N ASP B 38 -18.39 5.45 -20.02
CA ASP B 38 -17.67 6.12 -21.10
C ASP B 38 -18.46 7.28 -21.70
N LEU B 39 -17.75 8.24 -22.28
CA LEU B 39 -18.36 9.22 -23.17
C LEU B 39 -17.80 8.91 -24.54
N LEU B 40 -18.67 8.92 -25.55
CA LEU B 40 -18.28 8.61 -26.91
C LEU B 40 -18.39 9.83 -27.84
N LYS B 41 -17.44 10.01 -28.73
CA LYS B 41 -17.61 10.90 -29.89
C LYS B 41 -17.73 10.00 -31.12
N ASN B 42 -18.89 10.06 -31.76
CA ASN B 42 -19.17 9.21 -32.93
C ASN B 42 -18.92 7.73 -32.62
N GLY B 43 -19.38 7.32 -31.44
CA GLY B 43 -19.36 5.92 -31.02
C GLY B 43 -17.99 5.35 -30.69
N GLU B 44 -16.98 6.22 -30.64
CA GLU B 44 -15.63 5.83 -30.26
C GLU B 44 -15.35 6.50 -28.92
N ARG B 45 -14.54 5.85 -28.10
CA ARG B 45 -14.29 6.31 -26.73
C ARG B 45 -13.58 7.66 -26.69
N ILE B 46 -13.69 8.35 -25.57
CA ILE B 46 -12.97 9.59 -25.39
C ILE B 46 -11.94 9.39 -24.28
N GLU B 47 -10.68 9.61 -24.60
CA GLU B 47 -9.61 9.51 -23.61
C GLU B 47 -9.63 10.72 -22.65
N LYS B 48 -8.98 10.58 -21.50
CA LYS B 48 -8.93 11.68 -20.52
C LYS B 48 -10.32 12.30 -20.24
N VAL B 49 -11.23 11.53 -19.64
CA VAL B 49 -12.44 12.12 -19.07
C VAL B 49 -12.30 11.99 -17.54
N GLU B 50 -12.77 13.00 -16.80
CA GLU B 50 -12.57 13.10 -15.35
C GLU B 50 -13.86 12.78 -14.61
N HIS B 51 -13.79 12.43 -13.32
CA HIS B 51 -15.01 12.13 -12.56
C HIS B 51 -14.88 12.40 -11.08
N SER B 52 -16.01 12.69 -10.47
CA SER B 52 -16.06 12.89 -9.04
C SER B 52 -15.59 11.66 -8.28
N ASP B 53 -15.21 11.90 -7.03
CA ASP B 53 -15.00 10.83 -6.05
C ASP B 53 -16.34 10.10 -5.84
N LEU B 54 -16.26 8.79 -5.68
CA LEU B 54 -17.43 7.97 -5.40
C LEU B 54 -18.09 8.37 -4.12
N SER B 55 -19.41 8.53 -4.16
CA SER B 55 -20.22 8.89 -2.98
C SER B 55 -21.58 8.19 -3.03
N PHE B 56 -22.34 8.23 -1.91
CA PHE B 56 -23.69 7.63 -1.85
C PHE B 56 -24.75 8.50 -1.19
N SER B 57 -26.02 8.23 -1.47
CA SER B 57 -27.16 8.99 -0.91
C SER B 57 -27.67 8.37 0.39
N LYS B 58 -28.73 8.96 0.94
CA LYS B 58 -29.34 8.47 2.19
C LYS B 58 -30.03 7.10 2.05
N ASP B 59 -30.37 6.68 0.85
CA ASP B 59 -30.89 5.32 0.68
C ASP B 59 -29.80 4.33 0.28
N TRP B 60 -28.53 4.71 0.51
CA TRP B 60 -27.35 3.85 0.31
C TRP B 60 -26.86 3.69 -1.18
N SER B 61 -27.61 4.23 -2.14
CA SER B 61 -27.30 4.03 -3.55
C SER B 61 -26.20 5.01 -3.97
N PHE B 62 -25.46 4.64 -5.00
CA PHE B 62 -24.23 5.33 -5.38
C PHE B 62 -24.51 6.32 -6.50
N TYR B 63 -23.71 7.39 -6.58
CA TYR B 63 -23.74 8.31 -7.73
C TYR B 63 -22.38 8.87 -8.12
N LEU B 64 -22.21 9.10 -9.41
CA LEU B 64 -20.98 9.67 -9.98
C LEU B 64 -21.30 10.78 -11.01
N LEU B 65 -20.41 11.77 -11.11
CA LEU B 65 -20.40 12.71 -12.22
C LEU B 65 -19.21 12.45 -13.14
N TYR B 66 -19.46 12.32 -14.45
CA TYR B 66 -18.40 12.23 -15.47
C TYR B 66 -18.52 13.45 -16.41
N TYR B 67 -17.40 14.11 -16.72
CA TYR B 67 -17.42 15.31 -17.60
C TYR B 67 -16.11 15.51 -18.42
N THR B 68 -16.19 16.32 -19.48
CA THR B 68 -15.08 16.58 -20.41
C THR B 68 -15.33 17.82 -21.29
N GLU B 69 -14.27 18.52 -21.71
CA GLU B 69 -14.41 19.62 -22.69
C GLU B 69 -14.79 19.09 -24.06
N PHE B 70 -15.60 19.84 -24.79
CA PHE B 70 -15.99 19.46 -26.13
C PHE B 70 -16.53 20.64 -26.94
N THR B 71 -16.36 20.54 -28.25
CA THR B 71 -16.79 21.59 -29.16
C THR B 71 -17.81 21.02 -30.15
N PRO B 72 -19.09 21.27 -29.91
CA PRO B 72 -20.15 20.69 -30.72
C PRO B 72 -20.13 21.19 -32.16
N THR B 73 -20.53 20.32 -33.10
CA THR B 73 -20.50 20.62 -34.53
C THR B 73 -21.80 20.19 -35.16
N GLU B 74 -22.20 20.90 -36.21
CA GLU B 74 -23.35 20.57 -37.04
C GLU B 74 -23.64 19.07 -37.15
N LYS B 75 -22.59 18.29 -37.40
CA LYS B 75 -22.77 16.87 -37.72
C LYS B 75 -22.16 15.83 -36.74
N ASP B 76 -21.64 16.27 -35.59
CA ASP B 76 -21.00 15.37 -34.60
C ASP B 76 -21.99 14.78 -33.60
N GLU B 77 -21.86 13.48 -33.36
CA GLU B 77 -22.74 12.73 -32.45
C GLU B 77 -22.04 12.41 -31.09
N TYR B 78 -22.60 12.88 -29.98
CA TYR B 78 -22.04 12.66 -28.61
C TYR B 78 -22.98 11.83 -27.70
N ALA B 79 -22.42 10.90 -26.93
CA ALA B 79 -23.23 10.00 -26.10
C ALA B 79 -22.55 9.60 -24.80
N CYS B 80 -23.23 8.75 -24.03
CA CYS B 80 -22.72 8.25 -22.76
C CYS B 80 -23.06 6.76 -22.69
N ARG B 81 -22.07 5.88 -22.61
CA ARG B 81 -22.31 4.44 -22.56
C ARG B 81 -21.98 3.87 -21.19
N VAL B 82 -22.95 3.19 -20.55
CA VAL B 82 -22.80 2.61 -19.20
C VAL B 82 -23.05 1.09 -19.11
N ASN B 83 -22.15 0.39 -18.41
CA ASN B 83 -22.28 -1.03 -18.12
C ASN B 83 -22.31 -1.31 -16.63
N HIS B 84 -23.24 -2.18 -16.23
CA HIS B 84 -23.51 -2.51 -14.81
C HIS B 84 -24.11 -3.91 -14.76
N VAL B 85 -23.77 -4.69 -13.74
CA VAL B 85 -24.30 -6.07 -13.58
C VAL B 85 -25.84 -6.21 -13.65
N THR B 86 -26.57 -5.15 -13.33
CA THR B 86 -28.04 -5.12 -13.47
C THR B 86 -28.56 -5.13 -14.92
N LEU B 87 -27.67 -4.99 -15.92
CA LEU B 87 -28.05 -4.74 -17.32
C LEU B 87 -27.67 -5.88 -18.25
N SER B 88 -28.66 -6.37 -18.99
CA SER B 88 -28.44 -7.53 -19.91
C SER B 88 -27.51 -7.16 -21.07
N GLN B 89 -27.42 -5.85 -21.36
CA GLN B 89 -26.33 -5.29 -22.20
C GLN B 89 -26.04 -3.81 -21.85
N PRO B 90 -24.89 -3.29 -22.29
CA PRO B 90 -24.58 -1.86 -22.08
C PRO B 90 -25.63 -0.90 -22.63
N LYS B 91 -25.84 0.20 -21.93
CA LYS B 91 -26.87 1.16 -22.27
C LYS B 91 -26.22 2.46 -22.76
N ILE B 92 -26.73 3.03 -23.86
CA ILE B 92 -26.23 4.27 -24.46
C ILE B 92 -27.26 5.39 -24.29
N VAL B 93 -26.82 6.60 -23.95
CA VAL B 93 -27.72 7.76 -23.93
C VAL B 93 -27.13 8.92 -24.72
N LYS B 94 -27.81 9.27 -25.82
CA LYS B 94 -27.37 10.29 -26.77
C LYS B 94 -27.62 11.70 -26.16
N TRP B 95 -26.76 12.68 -26.50
CA TRP B 95 -27.02 14.06 -26.08
C TRP B 95 -27.67 14.75 -27.26
N ASP B 96 -28.87 15.29 -27.05
CA ASP B 96 -29.55 16.04 -28.11
C ASP B 96 -29.83 17.41 -27.60
N ARG B 97 -29.38 18.42 -28.35
CA ARG B 97 -29.51 19.80 -27.87
C ARG B 97 -30.97 20.15 -27.74
N ASP B 98 -31.75 19.76 -28.76
CA ASP B 98 -33.22 19.76 -28.68
C ASP B 98 -33.69 18.42 -28.11
N LEU C 8 32.23 -5.62 15.53
CA LEU C 8 30.74 -5.63 15.55
C LEU C 8 30.17 -4.25 15.20
N SER C 9 29.16 -4.28 14.33
CA SER C 9 28.47 -3.10 13.85
C SER C 9 26.94 -3.27 13.96
N PHE C 10 26.23 -2.14 13.80
CA PHE C 10 24.83 -2.15 13.56
C PHE C 10 24.55 -1.33 12.31
N HIS C 11 23.69 -1.84 11.43
CA HIS C 11 23.27 -1.06 10.27
C HIS C 11 21.81 -1.24 9.81
N VAL C 12 21.33 -0.23 9.10
CA VAL C 12 20.02 -0.23 8.46
C VAL C 12 20.22 -0.33 6.96
N ILE C 13 19.51 -1.22 6.29
CA ILE C 13 19.65 -1.32 4.84
C ILE C 13 18.37 -0.92 4.13
N TRP C 14 18.51 -0.62 2.85
CA TRP C 14 17.40 -0.25 1.98
C TRP C 14 17.67 -0.90 0.63
N ILE C 15 16.71 -1.64 0.10
CA ILE C 15 16.80 -2.23 -1.24
C ILE C 15 15.63 -1.71 -2.07
N ALA C 16 15.93 -1.06 -3.18
CA ALA C 16 14.89 -0.56 -4.05
C ALA C 16 15.15 -1.07 -5.46
N SER C 17 14.13 -1.61 -6.11
CA SER C 17 14.32 -2.15 -7.44
C SER C 17 13.27 -1.59 -8.37
N PHE C 18 13.71 -1.23 -9.58
CA PHE C 18 12.81 -0.64 -10.56
C PHE C 18 12.70 -1.54 -11.80
N TYR C 19 12.04 -2.67 -11.59
CA TYR C 19 11.76 -3.73 -12.58
C TYR C 19 11.25 -3.09 -13.88
N ASN C 20 10.09 -2.42 -13.83
CA ASN C 20 9.45 -1.83 -15.04
C ASN C 20 9.16 -0.33 -14.86
N HIS C 21 8.32 0.19 -15.76
CA HIS C 21 7.54 1.41 -15.51
C HIS C 21 6.40 1.11 -14.52
N SER C 22 5.75 -0.04 -14.73
CA SER C 22 4.62 -0.51 -13.89
C SER C 22 5.00 -1.19 -12.56
N TRP C 23 6.28 -1.41 -12.29
CA TRP C 23 6.65 -2.38 -11.24
C TRP C 23 7.85 -1.94 -10.41
N LYS C 24 7.77 -2.13 -9.10
CA LYS C 24 8.87 -1.79 -8.20
C LYS C 24 8.63 -2.27 -6.75
N GLN C 25 9.72 -2.58 -6.07
CA GLN C 25 9.69 -3.13 -4.70
C GLN C 25 10.69 -2.36 -3.85
N ASN C 26 10.37 -2.13 -2.59
CA ASN C 26 11.40 -1.63 -1.66
C ASN C 26 11.31 -2.28 -0.29
N LEU C 27 12.44 -2.45 0.36
CA LEU C 27 12.52 -3.20 1.61
C LEU C 27 13.51 -2.53 2.54
N VAL C 28 13.11 -2.30 3.79
CA VAL C 28 13.94 -1.65 4.80
C VAL C 28 14.07 -2.57 6.02
N SER C 29 15.28 -2.72 6.56
CA SER C 29 15.49 -3.63 7.69
C SER C 29 16.79 -3.31 8.47
N GLY C 30 16.84 -3.69 9.74
CA GLY C 30 18.00 -3.42 10.60
C GLY C 30 18.75 -4.67 11.01
N TRP C 31 20.08 -4.60 11.05
CA TRP C 31 20.91 -5.77 11.32
C TRP C 31 21.97 -5.48 12.37
N LEU C 32 22.23 -6.49 13.20
CA LEU C 32 23.34 -6.53 14.14
C LEU C 32 24.34 -7.60 13.67
N SER C 33 25.29 -7.19 12.81
CA SER C 33 26.10 -8.10 11.97
C SER C 33 25.28 -9.06 11.08
N ASP C 34 25.35 -10.36 11.38
CA ASP C 34 24.58 -11.40 10.70
C ASP C 34 23.09 -11.40 11.10
N LEU C 35 22.82 -11.12 12.36
CA LEU C 35 21.48 -11.27 12.96
C LEU C 35 20.52 -10.11 12.63
N GLN C 36 19.41 -10.42 11.95
CA GLN C 36 18.33 -9.43 11.73
C GLN C 36 17.66 -9.06 13.06
N THR C 37 17.23 -7.80 13.22
CA THR C 37 16.52 -7.34 14.45
C THR C 37 15.30 -6.44 14.22
N HIS C 38 15.20 -5.82 13.05
CA HIS C 38 14.08 -4.91 12.72
C HIS C 38 13.57 -5.10 11.27
N THR C 39 12.27 -4.84 11.09
CA THR C 39 11.64 -4.78 9.76
C THR C 39 10.72 -3.58 9.74
N TRP C 40 10.48 -3.03 8.56
CA TRP C 40 9.49 -1.98 8.36
C TRP C 40 8.34 -2.66 7.61
N ASP C 41 7.11 -2.51 8.13
CA ASP C 41 5.89 -3.17 7.60
C ASP C 41 4.95 -2.20 6.89
N SER C 42 5.08 -2.08 5.56
CA SER C 42 4.37 -1.06 4.78
C SER C 42 2.85 -1.15 4.87
N ASN C 43 2.30 -2.36 4.82
CA ASN C 43 0.84 -2.56 4.90
C ASN C 43 0.19 -1.67 5.97
N SER C 44 0.83 -1.63 7.14
CA SER C 44 0.35 -0.85 8.29
C SER C 44 1.18 0.42 8.62
N SER C 45 2.40 0.46 8.11
CA SER C 45 3.30 1.63 8.21
C SER C 45 3.89 1.80 9.61
N THR C 46 4.58 0.75 10.08
CA THR C 46 5.19 0.73 11.42
C THR C 46 6.49 -0.08 11.44
N ILE C 47 7.23 0.03 12.55
CA ILE C 47 8.45 -0.74 12.80
C ILE C 47 8.12 -2.04 13.53
N VAL C 48 8.80 -3.13 13.16
CA VAL C 48 8.57 -4.44 13.77
C VAL C 48 9.79 -4.91 14.52
N PHE C 49 9.61 -5.14 15.80
CA PHE C 49 10.70 -5.61 16.66
C PHE C 49 10.74 -7.13 16.65
N LEU C 50 11.80 -7.70 16.06
CA LEU C 50 11.90 -9.15 15.93
C LEU C 50 12.27 -9.86 17.24
N TRP C 51 12.91 -9.16 18.17
CA TRP C 51 13.24 -9.72 19.48
C TRP C 51 12.74 -8.78 20.58
N PRO C 52 12.38 -9.30 21.77
CA PRO C 52 12.00 -8.43 22.91
C PRO C 52 13.03 -7.34 23.27
N TRP C 53 14.33 -7.62 23.11
CA TRP C 53 15.41 -6.65 23.33
C TRP C 53 15.71 -5.76 22.11
N SER C 54 14.87 -5.79 21.07
CA SER C 54 15.08 -4.94 19.90
C SER C 54 14.79 -3.45 20.20
N ARG C 55 14.12 -3.16 21.32
CA ARG C 55 13.85 -1.78 21.69
C ARG C 55 15.08 -1.10 22.33
N GLY C 56 16.07 -1.88 22.73
CA GLY C 56 17.28 -1.31 23.35
C GLY C 56 16.98 -0.58 24.65
N ASN C 57 17.48 0.64 24.80
CA ASN C 57 17.13 1.48 25.96
C ASN C 57 16.28 2.72 25.57
N PHE C 58 15.43 2.58 24.55
CA PHE C 58 14.66 3.71 23.98
C PHE C 58 13.20 3.66 24.42
N SER C 59 12.57 4.81 24.54
CA SER C 59 11.18 4.88 24.99
C SER C 59 10.22 4.94 23.81
N ASN C 60 8.95 4.69 24.09
CA ASN C 60 7.89 4.67 23.07
C ASN C 60 7.83 6.00 22.33
N GLU C 61 7.93 7.07 23.12
CA GLU C 61 7.99 8.44 22.62
C GLU C 61 8.99 8.61 21.48
N GLU C 62 10.19 8.06 21.68
CA GLU C 62 11.25 8.19 20.70
C GLU C 62 11.05 7.26 19.49
N TRP C 63 10.65 6.02 19.74
CA TRP C 63 10.33 5.09 18.64
C TRP C 63 9.18 5.63 17.77
N LYS C 64 8.23 6.30 18.42
CA LYS C 64 7.15 7.03 17.76
C LYS C 64 7.69 8.07 16.75
N GLU C 65 8.69 8.84 17.18
CA GLU C 65 9.33 9.84 16.32
C GLU C 65 10.14 9.17 15.22
N LEU C 66 10.89 8.13 15.55
CA LEU C 66 11.59 7.38 14.52
C LEU C 66 10.63 6.79 13.47
N GLU C 67 9.39 6.46 13.86
CA GLU C 67 8.39 5.93 12.92
C GLU C 67 7.90 6.98 11.92
N THR C 68 7.61 8.18 12.41
CA THR C 68 7.27 9.34 11.56
C THR C 68 8.31 9.52 10.45
N LEU C 69 9.57 9.36 10.83
CA LEU C 69 10.69 9.64 9.95
C LEU C 69 10.76 8.64 8.81
N PHE C 70 10.72 7.35 9.14
CA PHE C 70 10.81 6.32 8.11
C PHE C 70 9.59 6.39 7.18
N ARG C 71 8.43 6.62 7.78
CA ARG C 71 7.22 6.79 7.00
C ARG C 71 7.52 7.75 5.85
N ILE C 72 7.99 8.95 6.20
CA ILE C 72 8.17 10.05 5.26
C ILE C 72 9.29 9.80 4.26
N ARG C 73 10.42 9.35 4.76
CA ARG C 73 11.63 9.24 3.94
C ARG C 73 11.57 8.13 2.87
N THR C 74 11.01 6.98 3.23
CA THR C 74 11.05 5.84 2.32
C THR C 74 10.19 6.15 1.09
N ILE C 75 9.06 6.82 1.28
CA ILE C 75 8.21 7.20 0.14
C ILE C 75 8.84 8.33 -0.66
N ARG C 76 9.10 9.47 -0.03
CA ARG C 76 9.82 10.56 -0.70
C ARG C 76 11.07 10.08 -1.48
N SER C 77 11.95 9.34 -0.81
CA SER C 77 13.17 8.84 -1.45
C SER C 77 12.84 7.96 -2.64
N PHE C 78 11.84 7.12 -2.46
CA PHE C 78 11.46 6.20 -3.50
C PHE C 78 10.84 6.95 -4.65
N GLU C 79 9.86 7.80 -4.35
CA GLU C 79 9.15 8.61 -5.37
C GLU C 79 10.13 9.49 -6.17
N GLY C 80 11.16 9.99 -5.49
CA GLY C 80 12.10 10.95 -6.05
C GLY C 80 13.15 10.36 -6.96
N ILE C 81 13.59 9.16 -6.67
CA ILE C 81 14.50 8.45 -7.56
C ILE C 81 13.84 8.11 -8.91
N ARG C 82 12.55 7.81 -8.90
CA ARG C 82 11.81 7.50 -10.14
C ARG C 82 11.74 8.69 -11.09
N ARG C 83 11.53 9.90 -10.54
CA ARG C 83 11.42 11.12 -11.35
C ARG C 83 12.76 11.75 -11.76
N TYR C 84 13.80 11.53 -10.95
CA TYR C 84 15.16 11.95 -11.31
C TYR C 84 15.90 10.96 -12.21
N ALA C 85 15.29 9.80 -12.46
CA ALA C 85 15.93 8.72 -13.25
C ALA C 85 16.26 9.16 -14.66
N HIS C 86 15.28 9.70 -15.36
CA HIS C 86 15.47 10.09 -16.75
C HIS C 86 16.71 11.00 -16.95
N GLU C 87 16.90 11.98 -16.08
CA GLU C 87 18.04 12.92 -16.19
C GLU C 87 19.37 12.36 -15.68
N LEU C 88 19.34 11.60 -14.61
CA LEU C 88 20.52 10.87 -14.15
C LEU C 88 20.89 9.69 -15.08
N GLN C 89 20.04 9.41 -16.07
CA GLN C 89 20.27 8.34 -17.05
C GLN C 89 20.26 6.93 -16.47
N PHE C 90 19.58 6.72 -15.35
CA PHE C 90 19.38 5.35 -14.84
C PHE C 90 18.48 4.62 -15.81
N GLU C 91 18.89 3.41 -16.21
CA GLU C 91 18.19 2.65 -17.24
C GLU C 91 17.49 1.41 -16.67
N TYR C 92 16.26 1.19 -17.10
CA TYR C 92 15.43 0.08 -16.62
C TYR C 92 15.88 -1.26 -17.22
N PRO C 93 15.99 -2.31 -16.42
CA PRO C 93 15.77 -2.29 -14.96
C PRO C 93 17.04 -1.92 -14.21
N PHE C 94 16.91 -1.42 -12.99
CA PHE C 94 18.08 -1.07 -12.18
C PHE C 94 17.76 -1.20 -10.69
N GLU C 95 18.81 -1.26 -9.85
CA GLU C 95 18.65 -1.43 -8.40
C GLU C 95 19.42 -0.36 -7.61
N ILE C 96 18.88 0.08 -6.47
CA ILE C 96 19.57 1.03 -5.58
C ILE C 96 19.72 0.36 -4.23
N GLN C 97 20.89 0.50 -3.60
CA GLN C 97 21.14 -0.08 -2.27
C GLN C 97 21.81 0.93 -1.34
N VAL C 98 21.38 0.92 -0.08
CA VAL C 98 21.92 1.81 0.94
C VAL C 98 22.17 1.03 2.21
N THR C 99 23.24 1.39 2.91
CA THR C 99 23.57 0.87 4.25
C THR C 99 24.19 1.96 5.10
N GLY C 100 23.75 2.04 6.34
CA GLY C 100 24.21 3.10 7.23
C GLY C 100 24.04 2.67 8.66
N GLY C 101 24.87 3.22 9.53
CA GLY C 101 24.95 2.75 10.90
C GLY C 101 26.33 3.06 11.44
N CYS C 102 26.83 2.23 12.36
CA CYS C 102 28.13 2.49 13.00
C CYS C 102 28.68 1.25 13.68
N GLU C 103 29.86 1.38 14.30
CA GLU C 103 30.55 0.24 14.88
C GLU C 103 31.41 0.56 16.11
N LEU C 104 31.85 -0.51 16.78
CA LEU C 104 32.72 -0.41 17.94
C LEU C 104 34.00 -1.20 17.72
N HIS C 105 35.11 -0.64 18.20
CA HIS C 105 36.37 -1.35 18.29
C HIS C 105 36.73 -1.43 19.78
N SER C 106 36.85 -2.65 20.29
CA SER C 106 37.13 -2.93 21.71
C SER C 106 36.24 -2.14 22.70
N GLY C 107 34.93 -2.22 22.47
CA GLY C 107 33.94 -1.70 23.42
C GLY C 107 33.66 -0.20 23.44
N LYS C 108 34.31 0.56 22.56
CA LYS C 108 34.04 1.99 22.44
C LYS C 108 33.68 2.27 20.99
N VAL C 109 32.80 3.24 20.78
CA VAL C 109 32.34 3.60 19.43
C VAL C 109 33.51 4.11 18.62
N SER C 110 33.45 3.81 17.32
CA SER C 110 34.58 3.95 16.42
C SER C 110 34.27 4.92 15.30
N GLY C 111 33.13 4.72 14.64
CA GLY C 111 32.71 5.63 13.60
C GLY C 111 31.40 5.22 12.96
N SER C 112 30.84 6.11 12.16
CA SER C 112 29.60 5.87 11.44
C SER C 112 29.80 5.98 9.93
N PHE C 113 28.83 5.50 9.17
CA PHE C 113 28.96 5.44 7.73
C PHE C 113 27.59 5.51 7.08
N LEU C 114 27.56 5.86 5.80
CA LEU C 114 26.33 5.88 5.02
C LEU C 114 26.68 5.92 3.54
N GLN C 115 26.51 4.77 2.88
CA GLN C 115 27.05 4.53 1.52
C GLN C 115 25.92 4.09 0.64
N LEU C 116 25.96 4.48 -0.63
CA LEU C 116 24.90 4.19 -1.59
C LEU C 116 25.48 3.63 -2.89
N ALA C 117 24.75 2.68 -3.47
CA ALA C 117 25.24 1.88 -4.61
C ALA C 117 24.21 1.75 -5.71
N TYR C 118 24.71 1.76 -6.94
CA TYR C 118 23.91 1.71 -8.14
C TYR C 118 24.39 0.51 -8.98
N GLN C 119 23.47 -0.34 -9.41
CA GLN C 119 23.81 -1.58 -10.15
C GLN C 119 24.96 -2.38 -9.57
N GLY C 120 24.97 -2.58 -8.25
CA GLY C 120 25.98 -3.43 -7.61
C GLY C 120 27.35 -2.81 -7.35
N SER C 121 27.53 -1.51 -7.60
CA SER C 121 28.83 -0.83 -7.36
C SER C 121 28.67 0.43 -6.54
N ASP C 122 29.73 0.83 -5.86
CA ASP C 122 29.72 2.09 -5.12
C ASP C 122 29.39 3.27 -6.04
N PHE C 123 28.57 4.18 -5.56
CA PHE C 123 28.13 5.36 -6.32
C PHE C 123 28.41 6.63 -5.49
N VAL C 124 27.80 6.77 -4.30
CA VAL C 124 27.97 7.96 -3.45
C VAL C 124 28.01 7.60 -1.97
N SER C 125 28.60 8.48 -1.16
CA SER C 125 28.66 8.30 0.30
C SER C 125 28.46 9.63 1.02
N PHE C 126 28.03 9.55 2.28
CA PHE C 126 27.75 10.72 3.13
C PHE C 126 28.85 10.85 4.18
N GLN C 127 29.66 11.89 4.09
CA GLN C 127 30.77 12.08 5.00
C GLN C 127 30.88 13.54 5.39
N ASN C 128 31.22 13.80 6.65
CA ASN C 128 31.38 15.16 7.20
C ASN C 128 30.26 16.10 6.76
N ASN C 129 29.02 15.62 6.88
CA ASN C 129 27.82 16.45 6.68
C ASN C 129 27.53 16.82 5.20
N SER C 130 27.99 15.99 4.26
CA SER C 130 27.88 16.31 2.83
C SER C 130 27.87 15.06 1.98
N TRP C 131 27.21 15.08 0.83
CA TRP C 131 27.22 13.91 -0.05
C TRP C 131 28.41 14.03 -1.00
N LEU C 132 29.19 12.94 -1.15
CA LEU C 132 30.40 12.92 -1.99
C LEU C 132 30.36 11.84 -3.09
N PRO C 133 30.87 12.19 -4.26
CA PRO C 133 30.91 11.27 -5.39
C PRO C 133 32.10 10.31 -5.38
N TYR C 134 31.87 9.12 -5.92
CA TYR C 134 32.89 8.06 -5.94
C TYR C 134 33.64 8.09 -7.28
N PRO C 135 34.96 8.28 -7.21
CA PRO C 135 35.77 8.55 -8.40
C PRO C 135 35.36 7.78 -9.66
N VAL C 136 35.35 6.46 -9.63
CA VAL C 136 35.12 5.69 -10.86
C VAL C 136 33.68 5.72 -11.39
N ALA C 137 32.74 6.23 -10.61
CA ALA C 137 31.34 6.28 -11.06
C ALA C 137 31.07 7.33 -12.15
N GLY C 138 31.90 8.38 -12.20
CA GLY C 138 31.79 9.39 -13.23
C GLY C 138 30.75 10.48 -13.01
N ASN C 139 30.35 11.12 -14.12
CA ASN C 139 29.52 12.33 -14.12
C ASN C 139 28.13 12.19 -13.50
N MET C 140 27.48 11.03 -13.67
CA MET C 140 26.13 10.86 -13.15
C MET C 140 26.16 10.90 -11.62
N ALA C 141 27.27 10.48 -11.03
CA ALA C 141 27.41 10.56 -9.58
C ALA C 141 27.57 12.01 -9.09
N LYS C 142 28.19 12.86 -9.92
CA LYS C 142 28.36 14.28 -9.59
C LYS C 142 27.03 15.01 -9.53
N HIS C 143 26.20 14.78 -10.57
CA HIS C 143 24.86 15.38 -10.69
C HIS C 143 24.00 14.95 -9.51
N PHE C 144 24.08 13.69 -9.16
CA PHE C 144 23.30 13.17 -8.09
C PHE C 144 23.66 13.87 -6.78
N CYS C 145 24.95 14.07 -6.53
CA CYS C 145 25.38 14.83 -5.34
C CYS C 145 24.89 16.26 -5.39
N LYS C 146 25.07 16.93 -6.53
CA LYS C 146 24.52 18.26 -6.71
C LYS C 146 23.10 18.34 -6.17
N VAL C 147 22.27 17.36 -6.54
CA VAL C 147 20.86 17.36 -6.15
C VAL C 147 20.70 17.14 -4.63
N LEU C 148 21.44 16.19 -4.09
CA LEU C 148 21.31 15.77 -2.68
C LEU C 148 21.80 16.81 -1.67
N ASN C 149 22.70 17.69 -2.09
CA ASN C 149 23.24 18.70 -1.18
C ASN C 149 22.40 19.98 -1.12
N GLN C 150 21.45 20.12 -2.04
CA GLN C 150 20.61 21.32 -2.10
C GLN C 150 19.84 21.52 -0.81
N ASN C 151 19.20 20.46 -0.33
CA ASN C 151 18.43 20.51 0.91
C ASN C 151 19.32 20.39 2.15
N GLN C 152 19.86 21.52 2.61
CA GLN C 152 20.74 21.54 3.80
C GLN C 152 20.01 21.15 5.10
N HIS C 153 18.71 21.40 5.14
CA HIS C 153 17.86 20.98 6.23
C HIS C 153 17.93 19.45 6.38
N GLU C 154 17.59 18.74 5.31
CA GLU C 154 17.53 17.26 5.38
C GLU C 154 18.89 16.61 5.64
N ASN C 155 19.98 17.26 5.24
CA ASN C 155 21.31 16.81 5.59
C ASN C 155 21.57 16.83 7.10
N ASP C 156 21.12 17.88 7.77
CA ASP C 156 21.36 18.02 9.22
C ASP C 156 20.62 16.97 10.06
N ILE C 157 19.51 16.49 9.52
CA ILE C 157 18.78 15.39 10.14
C ILE C 157 19.49 14.07 9.88
N THR C 158 19.95 13.84 8.66
CA THR C 158 20.76 12.67 8.33
C THR C 158 22.03 12.62 9.19
N HIS C 159 22.70 13.75 9.35
CA HIS C 159 23.89 13.85 10.19
C HIS C 159 23.60 13.56 11.67
N ASN C 160 22.42 13.93 12.14
CA ASN C 160 22.02 13.74 13.53
C ASN C 160 21.70 12.28 13.87
N LEU C 161 21.16 11.55 12.91
CA LEU C 161 20.98 10.11 13.06
C LEU C 161 22.34 9.38 13.19
N LEU C 162 23.28 9.70 12.32
CA LEU C 162 24.57 9.01 12.27
C LEU C 162 25.48 9.42 13.42
N SER C 163 25.43 10.69 13.77
CA SER C 163 26.29 11.25 14.82
C SER C 163 25.78 10.89 16.21
N ASP C 164 24.49 11.09 16.46
CA ASP C 164 23.94 11.08 17.83
C ASP C 164 23.03 9.88 18.18
N THR C 165 22.03 9.61 17.35
CA THR C 165 21.05 8.55 17.67
C THR C 165 21.62 7.14 17.49
N CYS C 166 22.60 6.96 16.61
CA CYS C 166 23.14 5.64 16.35
C CYS C 166 24.10 5.05 17.39
N PRO C 167 25.05 5.85 17.88
CA PRO C 167 25.95 5.41 18.95
C PRO C 167 25.19 5.03 20.23
N ARG C 168 24.24 5.86 20.63
CA ARG C 168 23.43 5.57 21.81
C ARG C 168 22.66 4.27 21.62
N PHE C 169 22.17 4.06 20.41
CA PHE C 169 21.32 2.91 20.16
C PHE C 169 22.08 1.57 20.30
N ILE C 170 23.29 1.53 19.74
CA ILE C 170 24.03 0.27 19.66
C ILE C 170 24.53 -0.22 21.03
N LEU C 171 24.90 0.72 21.90
CA LEU C 171 25.25 0.37 23.29
C LEU C 171 24.03 -0.12 24.06
N GLY C 172 22.88 0.50 23.80
CA GLY C 172 21.63 0.08 24.41
C GLY C 172 21.16 -1.28 23.92
N LEU C 173 21.33 -1.52 22.62
CA LEU C 173 20.90 -2.76 22.01
C LEU C 173 21.71 -3.93 22.56
N LEU C 174 23.04 -3.77 22.61
CA LEU C 174 23.96 -4.88 22.96
C LEU C 174 23.85 -5.31 24.42
N ASP C 175 23.70 -4.33 25.30
CA ASP C 175 23.55 -4.56 26.72
C ASP C 175 22.20 -5.22 26.98
N ALA C 176 21.17 -4.80 26.26
CA ALA C 176 19.84 -5.39 26.35
C ALA C 176 19.78 -6.79 25.75
N GLY C 177 20.64 -7.09 24.79
CA GLY C 177 20.70 -8.43 24.18
C GLY C 177 21.78 -9.34 24.76
N LYS C 178 22.43 -8.87 25.84
CA LYS C 178 23.48 -9.60 26.58
C LYS C 178 23.29 -11.11 26.62
N ALA C 179 22.15 -11.55 27.17
CA ALA C 179 21.90 -12.96 27.43
C ALA C 179 21.75 -13.83 26.18
N HIS C 180 21.42 -13.22 25.05
CA HIS C 180 21.27 -13.96 23.80
C HIS C 180 22.62 -14.09 23.08
N LEU C 181 23.34 -12.96 22.99
CA LEU C 181 24.56 -12.87 22.19
C LEU C 181 25.79 -13.50 22.87
N GLN C 182 25.80 -13.55 24.20
CA GLN C 182 26.89 -14.16 24.94
C GLN C 182 26.63 -15.64 25.31
N ARG C 183 25.58 -16.23 24.76
CA ARG C 183 25.28 -17.63 25.05
C ARG C 183 26.25 -18.54 24.28
N GLN C 184 26.31 -19.79 24.73
CA GLN C 184 27.26 -20.78 24.20
C GLN C 184 26.56 -22.10 23.84
N VAL C 185 26.80 -22.60 22.63
CA VAL C 185 26.09 -23.80 22.11
C VAL C 185 27.05 -24.83 21.46
N LYS C 186 27.07 -26.05 22.02
CA LYS C 186 28.07 -27.09 21.67
C LYS C 186 27.78 -27.78 20.36
N PRO C 187 28.79 -27.91 19.50
CA PRO C 187 28.61 -28.54 18.18
C PRO C 187 28.55 -30.05 18.26
N GLU C 188 28.05 -30.68 17.20
CA GLU C 188 28.24 -32.12 16.96
C GLU C 188 29.17 -32.26 15.75
N ALA C 189 29.69 -33.47 15.51
CA ALA C 189 30.61 -33.72 14.42
C ALA C 189 30.47 -35.14 13.85
N TRP C 190 30.84 -35.32 12.58
CA TRP C 190 30.85 -36.65 11.96
C TRP C 190 31.76 -36.67 10.73
N LEU C 191 32.06 -37.85 10.20
CA LEU C 191 33.02 -38.05 9.08
C LEU C 191 32.42 -38.74 7.87
N SER C 192 32.86 -38.39 6.67
CA SER C 192 32.37 -39.04 5.45
C SER C 192 33.38 -38.94 4.31
N HIS C 193 33.16 -39.75 3.26
CA HIS C 193 33.93 -39.65 2.04
C HIS C 193 33.50 -38.43 1.21
N GLY C 194 34.48 -37.77 0.61
CA GLY C 194 34.22 -36.74 -0.41
C GLY C 194 34.51 -37.27 -1.82
N PRO C 195 34.49 -36.38 -2.82
CA PRO C 195 34.82 -36.80 -4.16
C PRO C 195 36.29 -37.24 -4.28
N SER C 196 36.55 -38.31 -5.02
CA SER C 196 37.92 -38.81 -5.18
C SER C 196 38.69 -37.95 -6.16
N PRO C 197 39.87 -37.50 -5.78
CA PRO C 197 40.64 -36.58 -6.62
C PRO C 197 41.42 -37.30 -7.72
N GLY C 198 41.35 -38.63 -7.81
CA GLY C 198 41.99 -39.38 -8.90
C GLY C 198 42.40 -40.78 -8.46
N PRO C 199 42.72 -41.67 -9.39
CA PRO C 199 42.98 -43.08 -9.02
C PRO C 199 44.05 -43.23 -7.93
N GLY C 200 43.85 -44.18 -7.02
CA GLY C 200 44.77 -44.38 -5.88
C GLY C 200 44.59 -43.45 -4.67
N HIS C 201 43.71 -42.44 -4.75
CA HIS C 201 43.56 -41.47 -3.65
C HIS C 201 42.11 -41.24 -3.21
N LEU C 202 41.93 -40.76 -1.98
CA LEU C 202 40.60 -40.47 -1.44
C LEU C 202 40.57 -39.04 -0.97
N GLN C 203 39.36 -38.58 -0.62
CA GLN C 203 39.18 -37.33 0.12
C GLN C 203 38.38 -37.63 1.39
N LEU C 204 38.92 -37.22 2.52
CA LEU C 204 38.25 -37.37 3.80
C LEU C 204 37.57 -36.07 4.13
N VAL C 205 36.30 -36.14 4.56
CA VAL C 205 35.55 -34.97 5.00
C VAL C 205 35.14 -35.09 6.46
N CYS C 206 35.23 -33.97 7.15
CA CYS C 206 34.88 -33.87 8.55
C CYS C 206 33.91 -32.66 8.71
N HIS C 207 32.66 -32.93 9.09
CA HIS C 207 31.61 -31.92 9.26
C HIS C 207 31.51 -31.48 10.73
N VAL C 208 31.43 -30.18 10.98
CA VAL C 208 31.14 -29.64 12.31
C VAL C 208 29.90 -28.74 12.20
N SER C 209 28.91 -28.92 13.07
CA SER C 209 27.68 -28.13 12.96
C SER C 209 26.97 -27.86 14.28
N GLY C 210 26.18 -26.78 14.28
CA GLY C 210 25.39 -26.38 15.43
C GLY C 210 26.11 -25.54 16.47
N PHE C 211 27.23 -24.91 16.11
CA PHE C 211 28.00 -24.12 17.10
C PHE C 211 27.57 -22.66 17.20
N TYR C 212 27.72 -22.10 18.39
CA TYR C 212 27.61 -20.67 18.62
C TYR C 212 28.42 -20.32 19.88
N PRO C 213 29.24 -19.27 19.88
CA PRO C 213 29.44 -18.33 18.77
C PRO C 213 30.24 -18.86 17.57
N LYS C 214 30.77 -17.94 16.76
CA LYS C 214 31.32 -18.30 15.44
C LYS C 214 32.77 -18.86 15.41
N PRO C 215 33.70 -18.31 16.18
CA PRO C 215 35.08 -18.82 16.18
C PRO C 215 35.24 -20.30 16.57
N VAL C 216 35.76 -21.10 15.64
CA VAL C 216 35.99 -22.54 15.83
C VAL C 216 37.37 -22.96 15.25
N TRP C 217 37.87 -24.13 15.65
CA TRP C 217 39.14 -24.67 15.18
C TRP C 217 38.96 -26.16 14.85
N VAL C 218 39.36 -26.57 13.66
CA VAL C 218 39.21 -27.95 13.25
C VAL C 218 40.37 -28.41 12.34
N MET C 219 40.94 -29.56 12.66
CA MET C 219 42.16 -30.01 11.99
C MET C 219 42.24 -31.53 11.85
N TRP C 220 42.73 -32.03 10.71
CA TRP C 220 43.12 -33.44 10.61
C TRP C 220 44.51 -33.68 11.24
N MET C 221 44.65 -34.83 11.90
CA MET C 221 45.83 -35.15 12.72
C MET C 221 46.33 -36.56 12.46
N ARG C 222 47.63 -36.78 12.67
CA ARG C 222 48.20 -38.12 12.89
C ARG C 222 48.93 -38.10 14.26
N GLY C 223 48.20 -38.54 15.29
CA GLY C 223 48.61 -38.40 16.69
C GLY C 223 48.67 -36.95 17.08
N GLU C 224 49.86 -36.48 17.45
CA GLU C 224 50.09 -35.09 17.86
C GLU C 224 50.43 -34.20 16.67
N GLN C 225 50.64 -34.80 15.50
CA GLN C 225 51.14 -34.07 14.34
C GLN C 225 50.01 -33.60 13.40
N GLU C 226 49.88 -32.28 13.26
CA GLU C 226 48.79 -31.65 12.49
C GLU C 226 49.03 -31.85 11.02
N GLN C 227 48.01 -32.20 10.25
CA GLN C 227 48.15 -32.42 8.81
C GLN C 227 47.87 -31.15 8.03
N GLN C 228 48.91 -30.55 7.44
CA GLN C 228 48.82 -29.23 6.83
C GLN C 228 48.20 -29.25 5.44
N GLY C 229 47.77 -30.43 4.98
CA GLY C 229 46.89 -30.51 3.81
C GLY C 229 45.41 -30.27 4.11
N THR C 230 45.07 -29.96 5.36
CA THR C 230 43.70 -29.68 5.79
C THR C 230 43.19 -28.37 5.20
N GLN C 231 42.11 -28.46 4.43
CA GLN C 231 41.44 -27.31 3.83
C GLN C 231 40.03 -27.12 4.41
N ARG C 232 39.78 -25.99 5.04
CA ARG C 232 38.46 -25.69 5.58
C ARG C 232 37.65 -24.81 4.61
N GLY C 233 36.33 -25.02 4.57
CA GLY C 233 35.47 -24.28 3.69
C GLY C 233 34.90 -23.02 4.35
N ASP C 234 33.81 -22.51 3.78
CA ASP C 234 33.09 -21.36 4.32
C ASP C 234 32.31 -21.75 5.58
N ILE C 235 32.12 -20.81 6.50
CA ILE C 235 31.16 -20.98 7.58
C ILE C 235 29.77 -20.61 7.07
N LEU C 236 28.82 -21.53 7.16
CA LEU C 236 27.51 -21.39 6.51
C LEU C 236 26.40 -21.35 7.56
N PRO C 237 25.28 -20.65 7.30
CA PRO C 237 24.28 -20.45 8.33
C PRO C 237 23.33 -21.63 8.36
N SER C 238 22.67 -21.79 9.50
CA SER C 238 21.60 -22.76 9.61
C SER C 238 20.37 -22.03 10.16
N ALA C 239 19.19 -22.54 9.84
CA ALA C 239 17.97 -21.76 10.07
C ALA C 239 17.74 -21.33 11.55
N ASP C 240 18.22 -22.12 12.52
CA ASP C 240 18.00 -21.83 13.95
C ASP C 240 18.97 -20.83 14.61
N GLY C 241 19.93 -20.29 13.86
CA GLY C 241 20.91 -19.31 14.41
C GLY C 241 22.35 -19.79 14.58
N THR C 242 22.55 -21.11 14.67
CA THR C 242 23.87 -21.73 14.82
C THR C 242 24.59 -21.91 13.47
N TRP C 243 25.85 -22.33 13.50
CA TRP C 243 26.76 -22.38 12.31
C TRP C 243 27.21 -23.79 11.86
N TYR C 244 27.74 -23.89 10.64
CA TYR C 244 28.17 -25.18 10.04
C TYR C 244 29.45 -25.02 9.19
N LEU C 245 30.29 -26.06 9.19
CA LEU C 245 31.61 -26.01 8.53
C LEU C 245 32.11 -27.41 8.09
N ARG C 246 32.80 -27.52 6.95
CA ARG C 246 33.52 -28.77 6.63
C ARG C 246 35.01 -28.54 6.47
N ALA C 247 35.81 -29.55 6.84
CA ALA C 247 37.28 -29.54 6.70
C ALA C 247 37.68 -30.82 5.99
N THR C 248 38.44 -30.70 4.89
CA THR C 248 38.76 -31.86 4.06
C THR C 248 40.26 -32.12 3.90
N LEU C 249 40.59 -33.38 3.57
CA LEU C 249 41.98 -33.84 3.36
C LEU C 249 42.06 -34.91 2.28
N GLU C 250 42.97 -34.74 1.34
CA GLU C 250 43.18 -35.75 0.29
C GLU C 250 44.40 -36.57 0.61
N VAL C 251 44.29 -37.90 0.57
CA VAL C 251 45.46 -38.77 0.81
C VAL C 251 45.48 -40.00 -0.09
N ALA C 252 46.69 -40.47 -0.33
CA ALA C 252 46.90 -41.77 -0.95
C ALA C 252 46.25 -42.82 -0.07
N ALA C 253 45.63 -43.82 -0.71
CA ALA C 253 44.75 -44.77 0.00
C ALA C 253 45.52 -45.72 0.93
N GLY C 254 46.73 -46.08 0.54
CA GLY C 254 47.63 -46.85 1.38
C GLY C 254 47.92 -46.18 2.72
N GLU C 255 47.88 -44.86 2.75
CA GLU C 255 48.31 -44.12 3.94
C GLU C 255 47.18 -43.35 4.61
N ALA C 256 46.01 -43.98 4.73
CA ALA C 256 44.83 -43.37 5.38
C ALA C 256 44.63 -43.84 6.82
N ALA C 257 45.35 -44.90 7.21
CA ALA C 257 45.27 -45.44 8.57
C ALA C 257 45.81 -44.48 9.65
N ASP C 258 45.22 -44.53 10.85
CA ASP C 258 45.64 -43.72 12.02
C ASP C 258 45.32 -42.20 11.91
N LEU C 259 44.39 -41.83 11.05
CA LEU C 259 44.00 -40.42 10.91
C LEU C 259 42.79 -40.10 11.80
N SER C 260 42.77 -38.88 12.35
CA SER C 260 41.65 -38.40 13.15
C SER C 260 41.39 -36.92 12.92
N CYS C 261 40.18 -36.49 13.24
CA CYS C 261 39.75 -35.08 13.12
C CYS C 261 39.54 -34.56 14.54
N ARG C 262 40.07 -33.38 14.84
CA ARG C 262 39.98 -32.82 16.18
C ARG C 262 39.25 -31.46 16.16
N VAL C 263 38.33 -31.24 17.11
CA VAL C 263 37.59 -29.97 17.20
C VAL C 263 37.74 -29.23 18.54
N LYS C 264 38.05 -27.94 18.46
CA LYS C 264 38.15 -27.06 19.63
C LYS C 264 37.16 -25.89 19.53
N HIS C 265 36.43 -25.64 20.60
CA HIS C 265 35.41 -24.60 20.62
C HIS C 265 35.13 -24.13 22.07
N SER C 266 34.77 -22.87 22.21
CA SER C 266 34.60 -22.24 23.50
C SER C 266 33.50 -22.87 24.38
N SER C 267 32.53 -23.52 23.74
CA SER C 267 31.46 -24.23 24.48
C SER C 267 31.94 -25.49 25.19
N LEU C 268 32.96 -26.15 24.65
CA LEU C 268 33.35 -27.48 25.11
C LEU C 268 34.12 -27.50 26.44
N GLU C 269 34.53 -26.32 26.94
CA GLU C 269 35.11 -26.17 28.30
C GLU C 269 36.37 -27.03 28.49
N GLY C 270 37.23 -27.07 27.47
CA GLY C 270 38.47 -27.85 27.52
C GLY C 270 38.44 -29.19 26.80
N GLN C 271 37.33 -29.94 26.92
CA GLN C 271 37.23 -31.26 26.26
C GLN C 271 37.07 -31.21 24.72
N ASP C 272 38.15 -31.42 23.99
CA ASP C 272 38.08 -31.47 22.53
C ASP C 272 37.25 -32.64 22.04
N ILE C 273 36.54 -32.45 20.94
CA ILE C 273 35.92 -33.52 20.18
C ILE C 273 36.97 -34.21 19.32
N VAL C 274 37.00 -35.55 19.30
CA VAL C 274 37.96 -36.29 18.47
C VAL C 274 37.34 -37.54 17.81
N LEU C 275 37.35 -37.57 16.48
CA LEU C 275 36.84 -38.70 15.69
C LEU C 275 37.94 -39.43 14.93
N TYR C 276 37.85 -40.76 14.87
CA TYR C 276 38.89 -41.61 14.20
C TYR C 276 38.38 -42.23 12.92
N TRP C 277 39.18 -42.15 11.86
CA TRP C 277 38.85 -42.74 10.56
C TRP C 277 39.19 -44.22 10.59
N ILE D 1 27.55 -4.16 -12.52
CA ILE D 1 28.11 -5.54 -12.62
C ILE D 1 27.01 -6.58 -12.41
N GLN D 2 27.22 -7.75 -13.01
CA GLN D 2 26.40 -8.92 -12.74
C GLN D 2 27.31 -9.92 -12.11
N ARG D 3 26.81 -10.66 -11.14
CA ARG D 3 27.57 -11.70 -10.52
C ARG D 3 26.68 -12.92 -10.55
N THR D 4 27.28 -14.07 -10.83
CA THR D 4 26.52 -15.32 -10.90
C THR D 4 26.56 -16.09 -9.54
N PRO D 5 25.46 -16.73 -9.14
CA PRO D 5 25.30 -17.31 -7.79
C PRO D 5 26.16 -18.54 -7.46
N LYS D 6 26.49 -18.67 -6.17
CA LYS D 6 27.22 -19.81 -5.65
C LYS D 6 26.24 -20.62 -4.83
N ILE D 7 26.21 -21.93 -5.05
CA ILE D 7 25.18 -22.82 -4.48
C ILE D 7 25.75 -23.99 -3.66
N GLN D 8 25.43 -23.98 -2.36
CA GLN D 8 25.91 -24.95 -1.40
C GLN D 8 24.70 -25.66 -0.72
N VAL D 9 24.72 -26.99 -0.73
CA VAL D 9 23.68 -27.85 -0.15
C VAL D 9 24.24 -28.68 1.03
N TYR D 10 23.53 -28.77 2.14
CA TYR D 10 24.02 -29.50 3.31
C TYR D 10 22.89 -29.87 4.25
N SER D 11 23.08 -30.90 5.06
CA SER D 11 22.11 -31.27 6.09
C SER D 11 22.57 -30.79 7.46
N ARG D 12 21.62 -30.61 8.37
CA ARG D 12 21.88 -30.08 9.71
C ARG D 12 22.50 -31.15 10.60
N HIS D 13 21.97 -32.37 10.48
CA HIS D 13 22.44 -33.53 11.23
C HIS D 13 22.90 -34.61 10.23
N PRO D 14 23.74 -35.54 10.69
CA PRO D 14 24.15 -36.66 9.86
C PRO D 14 22.97 -37.52 9.45
N ALA D 15 23.00 -38.04 8.24
CA ALA D 15 21.89 -38.82 7.71
C ALA D 15 21.68 -40.11 8.49
N GLU D 16 20.44 -40.36 8.87
CA GLU D 16 20.04 -41.59 9.53
C GLU D 16 18.71 -41.95 8.89
N ASN D 17 18.74 -42.93 7.99
CA ASN D 17 17.57 -43.26 7.19
C ASN D 17 16.35 -43.46 8.06
N GLY D 18 15.27 -42.73 7.76
CA GLY D 18 14.00 -42.88 8.48
C GLY D 18 13.80 -41.92 9.64
N LYS D 19 14.72 -40.97 9.80
CA LYS D 19 14.71 -39.99 10.90
C LYS D 19 14.63 -38.54 10.35
N SER D 20 13.81 -37.68 10.94
CA SER D 20 13.66 -36.33 10.39
C SER D 20 14.92 -35.52 10.61
N ASN D 21 15.09 -34.49 9.79
CA ASN D 21 16.36 -33.76 9.63
C ASN D 21 16.03 -32.41 8.92
N PHE D 22 17.00 -31.55 8.64
CA PHE D 22 16.73 -30.33 7.88
C PHE D 22 17.69 -30.20 6.69
N LEU D 23 17.15 -30.00 5.49
CA LEU D 23 17.97 -29.80 4.30
C LEU D 23 18.09 -28.32 4.01
N ASN D 24 19.32 -27.84 3.80
CA ASN D 24 19.55 -26.39 3.55
C ASN D 24 20.12 -26.12 2.17
N CYS D 25 19.87 -24.91 1.64
CA CYS D 25 20.43 -24.46 0.35
C CYS D 25 20.82 -22.99 0.45
N TYR D 26 22.11 -22.74 0.57
CA TYR D 26 22.67 -21.40 0.68
C TYR D 26 23.05 -20.89 -0.69
N VAL D 27 22.49 -19.73 -1.07
CA VAL D 27 22.75 -19.10 -2.37
C VAL D 27 23.27 -17.68 -2.19
N SER D 28 24.51 -17.47 -2.64
CA SER D 28 25.29 -16.28 -2.29
C SER D 28 26.10 -15.74 -3.46
N GLY D 29 26.48 -14.47 -3.34
CA GLY D 29 27.35 -13.81 -4.30
C GLY D 29 26.67 -13.45 -5.60
N PHE D 30 25.34 -13.35 -5.62
CA PHE D 30 24.60 -12.99 -6.87
C PHE D 30 24.20 -11.51 -6.97
N HIS D 31 24.11 -11.01 -8.21
CA HIS D 31 23.56 -9.68 -8.54
C HIS D 31 23.15 -9.70 -10.02
N PRO D 32 21.95 -9.21 -10.38
CA PRO D 32 20.97 -8.58 -9.48
C PRO D 32 20.17 -9.59 -8.64
N SER D 33 19.24 -9.08 -7.82
CA SER D 33 18.53 -9.88 -6.80
C SER D 33 17.39 -10.80 -7.27
N ASP D 34 16.82 -10.52 -8.43
CA ASP D 34 15.77 -11.36 -9.06
C ASP D 34 16.20 -12.82 -9.30
N ILE D 35 15.63 -13.76 -8.54
CA ILE D 35 16.09 -15.14 -8.53
C ILE D 35 14.96 -16.14 -8.20
N GLU D 36 15.03 -17.34 -8.80
CA GLU D 36 14.09 -18.42 -8.46
C GLU D 36 14.84 -19.57 -7.81
N VAL D 37 14.44 -19.95 -6.59
CA VAL D 37 15.02 -21.12 -5.92
C VAL D 37 13.96 -22.19 -5.59
N ASP D 38 14.31 -23.44 -5.86
CA ASP D 38 13.51 -24.61 -5.49
C ASP D 38 14.35 -25.67 -4.79
N LEU D 39 13.71 -26.47 -3.95
CA LEU D 39 14.29 -27.75 -3.52
C LEU D 39 13.40 -28.83 -4.13
N LEU D 40 14.02 -29.89 -4.64
CA LEU D 40 13.30 -30.96 -5.30
C LEU D 40 13.43 -32.28 -4.52
N LYS D 41 12.34 -33.04 -4.46
CA LYS D 41 12.37 -34.44 -4.03
C LYS D 41 12.08 -35.30 -5.27
N ASN D 42 13.08 -36.08 -5.68
CA ASN D 42 12.99 -36.86 -6.91
C ASN D 42 12.58 -35.97 -8.08
N GLY D 43 13.22 -34.80 -8.17
CA GLY D 43 13.07 -33.89 -9.31
C GLY D 43 11.74 -33.18 -9.45
N GLU D 44 10.90 -33.31 -8.43
CA GLU D 44 9.61 -32.63 -8.37
C GLU D 44 9.69 -31.61 -7.23
N ARG D 45 9.01 -30.49 -7.40
CA ARG D 45 9.11 -29.38 -6.47
C ARG D 45 8.65 -29.73 -5.06
N ILE D 46 9.12 -28.98 -4.06
CA ILE D 46 8.66 -29.13 -2.68
C ILE D 46 7.87 -27.89 -2.26
N GLU D 47 6.61 -28.10 -1.91
CA GLU D 47 5.74 -27.02 -1.43
C GLU D 47 6.17 -26.58 -0.03
N LYS D 48 5.75 -25.38 0.40
CA LYS D 48 6.10 -24.86 1.74
C LYS D 48 7.59 -25.03 2.09
N VAL D 49 8.47 -24.34 1.38
CA VAL D 49 9.86 -24.19 1.84
C VAL D 49 10.04 -22.71 2.24
N GLU D 50 10.75 -22.46 3.34
CA GLU D 50 10.91 -21.12 3.91
C GLU D 50 12.28 -20.53 3.54
N HIS D 51 12.42 -19.22 3.68
CA HIS D 51 13.68 -18.55 3.35
C HIS D 51 13.90 -17.31 4.18
N SER D 52 15.16 -17.02 4.46
CA SER D 52 15.55 -15.81 5.13
C SER D 52 15.04 -14.58 4.43
N ASP D 53 15.04 -13.46 5.14
CA ASP D 53 14.88 -12.15 4.51
C ASP D 53 16.11 -11.84 3.64
N LEU D 54 15.86 -11.23 2.49
CA LEU D 54 16.93 -10.85 1.57
C LEU D 54 17.90 -9.87 2.27
N SER D 55 19.19 -10.16 2.11
CA SER D 55 20.24 -9.29 2.62
C SER D 55 21.43 -9.27 1.64
N PHE D 56 22.42 -8.41 1.90
CA PHE D 56 23.63 -8.33 1.06
C PHE D 56 24.95 -8.17 1.85
N SER D 57 26.06 -8.50 1.19
CA SER D 57 27.39 -8.44 1.79
C SER D 57 28.07 -7.07 1.57
N LYS D 58 29.31 -6.93 2.05
CA LYS D 58 30.07 -5.68 1.88
C LYS D 58 30.44 -5.39 0.45
N ASP D 59 30.49 -6.41 -0.41
CA ASP D 59 30.75 -6.16 -1.83
C ASP D 59 29.45 -6.04 -2.63
N TRP D 60 28.36 -5.78 -1.89
CA TRP D 60 27.02 -5.49 -2.42
C TRP D 60 26.22 -6.68 -2.96
N SER D 61 26.81 -7.88 -2.95
CA SER D 61 26.21 -9.05 -3.58
C SER D 61 25.20 -9.64 -2.61
N PHE D 62 24.21 -10.34 -3.16
CA PHE D 62 23.07 -10.78 -2.36
C PHE D 62 23.23 -12.22 -1.87
N TYR D 63 22.56 -12.56 -0.78
CA TYR D 63 22.49 -13.94 -0.36
C TYR D 63 21.17 -14.32 0.30
N LEU D 64 20.81 -15.60 0.18
CA LEU D 64 19.62 -16.15 0.82
C LEU D 64 19.85 -17.59 1.36
N LEU D 65 19.15 -17.91 2.45
CA LEU D 65 19.04 -19.27 2.96
C LEU D 65 17.66 -19.84 2.68
N TYR D 66 17.60 -21.03 2.06
CA TYR D 66 16.36 -21.79 1.88
C TYR D 66 16.44 -23.13 2.62
N TYR D 67 15.40 -23.49 3.39
CA TYR D 67 15.42 -24.74 4.20
C TYR D 67 14.03 -25.35 4.36
N THR D 68 14.00 -26.64 4.75
CA THR D 68 12.76 -27.41 4.95
C THR D 68 13.00 -28.72 5.73
N GLU D 69 11.98 -29.24 6.41
CA GLU D 69 12.04 -30.58 7.04
C GLU D 69 12.07 -31.70 5.99
N PHE D 70 12.83 -32.75 6.28
CA PHE D 70 12.85 -33.94 5.41
C PHE D 70 13.39 -35.18 6.12
N THR D 71 12.97 -36.33 5.62
CA THR D 71 13.36 -37.61 6.17
C THR D 71 14.06 -38.43 5.09
N PRO D 72 15.39 -38.50 5.14
CA PRO D 72 16.16 -39.17 4.10
C PRO D 72 15.93 -40.68 4.09
N THR D 73 15.98 -41.28 2.91
CA THR D 73 15.74 -42.71 2.73
C THR D 73 16.81 -43.32 1.84
N GLU D 74 17.00 -44.62 2.00
CA GLU D 74 17.95 -45.39 1.20
C GLU D 74 17.96 -45.01 -0.29
N LYS D 75 16.79 -44.77 -0.86
CA LYS D 75 16.67 -44.59 -2.31
C LYS D 75 16.11 -43.22 -2.79
N ASP D 76 15.93 -42.25 -1.89
CA ASP D 76 15.37 -40.93 -2.26
C ASP D 76 16.45 -39.91 -2.66
N GLU D 77 16.16 -39.16 -3.73
CA GLU D 77 17.09 -38.18 -4.33
C GLU D 77 16.64 -36.72 -4.09
N TYR D 78 17.47 -35.96 -3.37
CA TYR D 78 17.17 -34.55 -3.00
C TYR D 78 18.13 -33.56 -3.69
N ALA D 79 17.63 -32.41 -4.11
CA ALA D 79 18.48 -31.43 -4.81
C ALA D 79 18.02 -29.99 -4.62
N CYS D 80 18.73 -29.06 -5.23
CA CYS D 80 18.38 -27.64 -5.18
C CYS D 80 18.53 -27.08 -6.59
N ARG D 81 17.45 -26.52 -7.14
CA ARG D 81 17.48 -25.98 -8.50
C ARG D 81 17.37 -24.46 -8.47
N VAL D 82 18.33 -23.76 -9.11
CA VAL D 82 18.38 -22.28 -9.11
C VAL D 82 18.39 -21.72 -10.53
N ASN D 83 17.57 -20.69 -10.77
CA ASN D 83 17.60 -19.94 -12.03
C ASN D 83 17.86 -18.45 -11.82
N HIS D 84 18.70 -17.90 -12.68
CA HIS D 84 19.22 -16.54 -12.57
C HIS D 84 19.60 -16.05 -13.96
N VAL D 85 19.38 -14.77 -14.24
CA VAL D 85 19.70 -14.17 -15.55
C VAL D 85 21.17 -14.41 -16.05
N THR D 86 22.12 -14.61 -15.14
CA THR D 86 23.50 -14.93 -15.52
C THR D 86 23.66 -16.35 -16.09
N LEU D 87 22.62 -17.18 -16.05
CA LEU D 87 22.72 -18.63 -16.38
C LEU D 87 22.00 -18.96 -17.68
N SER D 88 22.71 -19.61 -18.60
CA SER D 88 22.14 -19.99 -19.90
C SER D 88 21.03 -21.02 -19.75
N GLN D 89 21.05 -21.77 -18.64
CA GLN D 89 19.92 -22.60 -18.19
C GLN D 89 19.94 -22.79 -16.64
N PRO D 90 18.82 -23.25 -16.06
CA PRO D 90 18.79 -23.54 -14.62
C PRO D 90 19.86 -24.55 -14.17
N LYS D 91 20.39 -24.34 -12.96
CA LYS D 91 21.46 -25.16 -12.42
C LYS D 91 20.89 -26.00 -11.28
N ILE D 92 21.28 -27.29 -11.22
CA ILE D 92 20.86 -28.26 -10.16
C ILE D 92 22.06 -28.69 -9.31
N VAL D 93 21.89 -28.71 -7.98
CA VAL D 93 22.95 -29.22 -7.09
C VAL D 93 22.36 -30.30 -6.15
N LYS D 94 22.89 -31.52 -6.32
CA LYS D 94 22.41 -32.71 -5.61
C LYS D 94 22.96 -32.73 -4.18
N TRP D 95 22.18 -33.24 -3.23
CA TRP D 95 22.69 -33.47 -1.88
C TRP D 95 23.19 -34.90 -1.80
N ASP D 96 24.48 -35.07 -1.52
CA ASP D 96 25.06 -36.39 -1.39
C ASP D 96 25.66 -36.45 0.01
N ARG D 97 25.20 -37.42 0.81
CA ARG D 97 25.65 -37.53 2.21
C ARG D 97 27.15 -37.75 2.24
N ASP D 98 27.63 -38.66 1.36
CA ASP D 98 29.06 -38.80 1.07
C ASP D 98 29.47 -37.79 -0.02
C1 NAG E . -14.00 25.88 17.37
C2 NAG E . -13.31 26.10 18.73
C3 NAG E . -14.20 25.67 19.93
C4 NAG E . -15.62 26.23 19.85
C5 NAG E . -16.20 26.04 18.42
C6 NAG E . -17.56 26.73 18.24
C7 NAG E . -11.79 24.14 18.82
C8 NAG E . -10.42 23.58 18.65
N2 NAG E . -11.99 25.47 18.71
O3 NAG E . -13.63 26.01 21.18
O4 NAG E . -16.45 25.59 20.83
O5 NAG E . -15.29 26.48 17.38
O6 NAG E . -17.68 28.03 18.88
O7 NAG E . -12.69 23.35 19.04
C1 NAG E . -17.26 26.46 21.66
C2 NAG E . -18.27 25.64 22.45
C3 NAG E . -19.20 26.49 23.32
C4 NAG E . -18.36 27.44 24.19
C5 NAG E . -17.34 28.16 23.31
C6 NAG E . -16.45 29.08 24.14
C7 NAG E . -18.92 23.42 21.60
C8 NAG E . -17.89 22.78 22.51
N2 NAG E . -19.06 24.76 21.61
O3 NAG E . -19.95 25.61 24.12
O4 NAG E . -19.17 28.37 24.92
O5 NAG E . -16.54 27.22 22.63
O6 NAG E . -15.66 29.90 23.29
O7 NAG E . -19.61 22.71 20.85
C1 FUC E . -18.63 28.91 18.21
C2 FUC E . -18.49 30.29 18.83
C3 FUC E . -17.19 30.94 18.43
C4 FUC E . -17.07 30.94 16.92
C5 FUC E . -17.23 29.53 16.38
C6 FUC E . -17.14 29.53 14.86
O2 FUC E . -18.50 30.17 20.22
O3 FUC E . -17.18 32.27 18.89
O4 FUC E . -18.11 31.72 16.38
O5 FUC E . -18.49 29.02 16.79
C1 NAG F . 21.28 4.33 26.42
C2 NAG F . 20.95 5.83 26.62
C3 NAG F . 22.12 6.84 26.64
C4 NAG F . 23.46 6.20 27.02
C5 NAG F . 23.68 4.98 26.15
C6 NAG F . 25.06 4.34 26.42
C7 NAG F . 18.99 7.07 25.86
C8 NAG F . 17.73 6.95 25.05
N2 NAG F . 19.98 6.22 25.60
O3 NAG F . 21.89 7.91 27.55
O4 NAG F . 24.49 7.17 26.88
O5 NAG F . 22.68 3.99 26.38
O6 NAG F . 25.33 4.37 27.80
O7 NAG F . 19.07 7.94 26.73
C1 FUC F . 26.15 3.27 28.27
C2 FUC F . 26.39 3.39 29.78
C3 FUC F . 25.04 3.30 30.50
C4 FUC F . 24.43 1.94 30.17
C5 FUC F . 24.32 1.78 28.65
C6 FUC F . 23.80 0.40 28.29
O2 FUC F . 27.04 4.60 30.11
O3 FUC F . 25.16 3.49 31.90
O4 FUC F . 25.26 0.89 30.63
O5 FUC F . 25.59 1.99 28.06
O4 JH0 G . -15.59 6.01 8.51
C JH0 G . -14.95 5.61 9.48
C12 JH0 G . -15.26 6.14 10.88
C13 JH0 G . -16.33 7.24 10.92
C14 JH0 G . -16.56 7.71 12.36
C15 JH0 G . -17.28 9.06 12.47
C16 JH0 G . -16.47 10.17 13.16
C17 JH0 G . -17.00 11.59 12.86
C18 JH0 G . -16.19 12.73 13.53
C19 JH0 G . -15.29 13.48 12.54
C20 JH0 G . -14.52 14.68 13.13
C21 JH0 G . -14.06 15.65 12.02
C22 JH0 G . -12.77 15.22 11.32
C23 JH0 G . -12.88 14.99 9.81
C24 JH0 G . -12.02 13.82 9.28
C25 JH0 G . -12.27 13.57 7.78
C26 JH0 G . -11.45 12.47 7.10
N JH0 G . -13.97 4.67 9.34
ON1 JH0 G . -13.67 4.25 8.03
C1 JH0 G . -13.16 4.02 10.36
C2 JH0 G . -13.19 2.50 10.11
C3 JH0 G . -14.36 1.70 10.70
C4 JH0 G . -15.65 2.47 10.97
C5 JH0 G . -16.67 1.83 11.94
N2 JH0 G . -16.38 1.92 13.38
C11 JH0 G . -15.25 2.30 14.00
O3 JH0 G . -14.34 2.92 13.46
C39 JH0 G . -15.04 1.83 15.43
N4 JH0 G . -13.81 1.00 15.56
C38 JH0 G . -14.01 -0.10 16.15
O6 JH0 G . -15.38 -0.24 16.55
C37 JH0 G . -16.09 0.92 16.10
C45 JH0 G . -12.94 -1.11 16.46
C44 JH0 G . -13.11 -1.91 17.61
C43 JH0 G . -12.14 -2.85 17.97
C42 JH0 G . -11.01 -2.99 17.18
C41 JH0 G . -10.82 -2.20 16.04
C40 JH0 G . -11.80 -1.25 15.67
O7 JH0 G . -11.62 -0.51 14.57
C6 JH0 G . -16.94 0.36 11.65
O JH0 G . -16.99 -0.06 10.51
O1 JH0 G . -17.22 -0.56 12.75
C7 JH0 G . -16.30 -1.62 13.09
C9 JH0 G . -14.84 -1.20 13.15
C8 JH0 G . -16.51 -2.76 12.11
C10 JH0 G . -15.38 -3.77 12.12
O2 JH0 G . -14.58 -3.70 11.21
N1 JH0 G . -15.39 -4.72 13.06
C35 JH0 G . -14.60 -5.95 13.01
C36 JH0 G . -14.57 -6.77 14.28
O5 JH0 G . -15.12 -7.87 14.29
C34 JH0 G . -13.16 -5.83 12.48
C33 JH0 G . -12.02 -5.65 13.49
C32 JH0 G . -12.31 -4.58 14.52
C31 JH0 G . -13.44 -4.90 15.51
N3 JH0 G . -13.91 -6.28 15.34
ON2 JH0 G . -13.64 -7.15 16.36
SI70 JH0 G . -11.96 -7.40 16.93
O4 JH0 H . 18.07 3.46 5.35
C JH0 H . 17.47 4.53 5.32
C12 JH0 H . 18.00 5.68 6.19
C13 JH0 H . 19.32 5.32 6.88
C14 JH0 H . 19.83 6.44 7.80
C15 JH0 H . 20.79 5.90 8.86
C16 JH0 H . 20.11 5.61 10.19
C17 JH0 H . 20.99 4.76 11.11
C18 JH0 H . 20.71 4.96 12.62
C19 JH0 H . 19.21 4.94 12.96
C20 JH0 H . 18.91 4.52 14.41
C21 JH0 H . 18.34 3.09 14.50
C22 JH0 H . 16.86 2.97 14.12
C23 JH0 H . 16.38 1.54 13.80
C24 JH0 H . 15.41 1.51 12.61
C25 JH0 H . 15.09 0.08 12.15
C26 JH0 H . 14.40 -0.02 10.78
N JH0 H . 16.36 4.72 4.55
ON1 JH0 H . 15.96 3.70 3.66
C1 JH0 H . 15.50 5.92 4.51
C2 JH0 H . 15.35 6.38 3.04
C3 JH0 H . 16.62 6.47 2.18
C4 JH0 H . 17.82 7.19 2.81
C5 JH0 H . 18.50 8.31 1.98
N2 JH0 H . 17.72 9.57 2.11
C11 JH0 H . 18.07 10.56 2.94
O3 JH0 H . 19.01 10.42 3.71
C39 JH0 H . 17.32 11.89 2.94
N4 JH0 H . 16.58 12.30 1.74
C38 JH0 H . 16.90 13.43 1.27
O6 JH0 H . 17.94 14.01 2.07
C37 JH0 H . 18.28 13.11 3.13
C6 JH0 H . 18.76 7.99 0.53
O JH0 H . 18.51 6.91 0.03
O1 JH0 H . 19.40 8.98 -0.35
C7 JH0 H . 18.62 9.84 -1.21
C9 JH0 H . 18.21 11.08 -0.43
C8 JH0 H . 17.39 9.23 -1.90
C10 JH0 H . 16.82 10.24 -2.89
O2 JH0 H . 16.17 11.21 -2.55
N1 JH0 H . 17.07 10.03 -4.17
#